data_7VT9
#
_entry.id   7VT9
#
_cell.length_a   204.186
_cell.length_b   204.186
_cell.length_c   267.916
_cell.angle_alpha   90.000
_cell.angle_beta   90.000
_cell.angle_gamma   90.000
#
_symmetry.space_group_name_H-M   'I 41 2 2'
#
loop_
_entity.id
_entity.type
_entity.pdbx_description
1 polymer 'Maltodextrin glucosidase'
2 water water
#
_entity_poly.entity_id   1
_entity_poly.type   'polypeptide(L)'
_entity_poly.pdbx_seq_one_letter_code
;MLNAWHLPVPPFVKQSKDQLLITLWLTGEDPPQRIMLRTEHDNEEMSVPMHKQRSQPQPGVTAWRAAIDLSSGQPRRRYS
FKLLWHDRQRWFTPQGFSRMPPARLEQFAVDVPDIGPQWAADQIFYQIFPDRFARSLPREAEQDHVYYHHAAGQEIILRD
WDEPVTAQAGGSTFYGGDLDGISEKLPYLKKLGVTALYLNPVFKAPSVHKYDTEDYRHVDPQFGGDGALLRLRHNTQQLG
MRLVLDGVFNHSGDSHAWFDRHNRGTGGACHNPESPWRDWYSFSDDGTALDWLGYASLPKLDYQSESLVNEIYRGEDSIV
RHWLKAPWNMDGWRLDVVHMLGEAGGARNNMQHVAGITEAAKETQPEAYIVGEHFGDARQWLQADVEDAAMNYRGFTFPL
WGFLANTDISYDPQQIDAQTCMAWMDNYRAGLSHQQQLRMFNQLDSHDTARFKTLLGRDIARLPLAVVWLFTWPGVPCIY
YGDEVGLDGKNDPFCRKPFPWQVEKQDTALFALYQRMIALRKKSQALRHGGCQVLYAEDNVVVFVRVLNQQRVLVAINRG
EACEVVLPASPFLNAVQWQCKEGHGQLTDGILALPAISATVWMNAAALEHHHHHH
;
_entity_poly.pdbx_strand_id   A,B
#
# COMPACT_ATOMS: atom_id res chain seq x y z
N MET A 1 25.85 23.07 -5.78
CA MET A 1 24.41 22.79 -5.99
C MET A 1 23.66 22.65 -4.65
N LEU A 2 22.35 22.97 -4.65
CA LEU A 2 21.49 22.74 -3.48
C LEU A 2 21.26 21.25 -3.23
N ASN A 3 21.49 20.86 -1.96
CA ASN A 3 21.30 19.53 -1.40
C ASN A 3 20.65 19.68 -0.03
N ALA A 4 19.80 18.71 0.31
CA ALA A 4 19.09 18.72 1.60
C ALA A 4 19.26 17.35 2.20
N TRP A 5 19.12 17.28 3.52
CA TRP A 5 19.39 16.02 4.20
C TRP A 5 18.48 15.93 5.39
N HIS A 6 17.95 14.75 5.66
CA HIS A 6 17.14 14.50 6.86
C HIS A 6 17.05 12.99 7.08
N LEU A 7 17.09 12.57 8.33
CA LEU A 7 16.97 11.15 8.70
C LEU A 7 15.92 11.13 9.79
N PRO A 8 15.18 10.03 9.98
CA PRO A 8 14.11 9.97 10.98
C PRO A 8 14.69 9.61 12.36
N VAL A 9 15.73 10.33 12.80
CA VAL A 9 16.39 10.04 14.09
C VAL A 9 16.57 11.33 14.89
N PRO A 10 16.82 11.11 16.20
CA PRO A 10 17.01 12.19 17.15
C PRO A 10 17.76 13.41 16.68
N PRO A 11 18.90 13.32 15.96
CA PRO A 11 19.61 14.57 15.66
C PRO A 11 18.57 15.62 15.28
N PHE A 12 17.64 15.24 14.39
CA PHE A 12 16.48 15.96 13.89
C PHE A 12 15.24 15.77 14.74
N VAL A 13 14.90 14.51 15.00
CA VAL A 13 13.59 14.09 15.52
C VAL A 13 13.65 14.04 17.06
N LYS A 14 13.17 15.11 17.72
CA LYS A 14 13.37 15.25 19.16
C LYS A 14 12.05 15.56 19.89
N GLN A 15 11.65 14.65 20.79
CA GLN A 15 10.38 14.75 21.50
C GLN A 15 10.44 15.76 22.67
N SER A 16 9.45 16.65 22.71
CA SER A 16 9.38 17.65 23.82
C SER A 16 7.90 17.93 24.13
N LYS A 17 7.44 17.54 25.31
CA LYS A 17 6.01 17.73 25.69
C LYS A 17 5.13 16.97 24.69
N ASP A 18 4.07 17.61 24.19
CA ASP A 18 3.17 16.97 23.19
C ASP A 18 3.53 17.48 21.79
N GLN A 19 4.82 17.74 21.53
CA GLN A 19 5.23 18.28 20.25
C GLN A 19 6.49 17.52 19.83
N LEU A 20 6.38 16.74 18.76
CA LEU A 20 7.53 16.16 18.09
C LEU A 20 8.22 17.21 17.22
N LEU A 21 9.55 17.14 17.10
CA LEU A 21 10.31 18.14 16.33
C LEU A 21 11.05 17.52 15.15
N ILE A 22 10.62 17.87 13.94
CA ILE A 22 11.25 17.39 12.72
C ILE A 22 12.11 18.51 12.16
N THR A 23 13.37 18.21 11.89
CA THR A 23 14.30 19.24 11.45
C THR A 23 14.95 18.79 10.14
N LEU A 24 15.30 19.78 9.31
CA LEU A 24 15.84 19.54 7.97
C LEU A 24 17.05 20.42 7.73
N TRP A 25 17.96 19.89 6.93
CA TRP A 25 19.16 20.59 6.52
C TRP A 25 19.13 20.99 5.05
N LEU A 26 19.76 22.14 4.81
CA LEU A 26 19.79 22.82 3.53
C LEU A 26 21.20 23.31 3.28
N THR A 27 21.81 22.90 2.17
CA THR A 27 23.18 23.33 1.84
C THR A 27 23.32 23.61 0.36
N GLY A 28 23.21 24.85 -0.08
CA GLY A 28 23.49 25.15 -1.51
C GLY A 28 23.08 26.48 -2.05
N GLU A 29 23.09 26.58 -3.38
CA GLU A 29 22.77 27.85 -4.07
C GLU A 29 21.28 27.96 -4.28
N ASP A 30 20.79 29.15 -4.63
CA ASP A 30 19.38 29.43 -4.84
C ASP A 30 18.53 28.69 -3.79
N PRO A 31 18.66 29.05 -2.51
CA PRO A 31 17.82 28.41 -1.50
C PRO A 31 16.34 28.74 -1.66
N PRO A 32 15.45 27.83 -1.21
CA PRO A 32 14.02 28.14 -1.19
C PRO A 32 13.72 29.27 -0.20
N GLN A 33 12.63 29.99 -0.48
CA GLN A 33 12.20 31.13 0.34
C GLN A 33 11.46 30.68 1.59
N ARG A 34 10.74 29.57 1.49
CA ARG A 34 9.88 29.01 2.52
C ARG A 34 10.02 27.51 2.46
N ILE A 35 9.74 26.86 3.58
CA ILE A 35 9.65 25.39 3.61
C ILE A 35 8.40 25.04 4.41
N MET A 36 7.71 24.01 3.92
CA MET A 36 6.49 23.52 4.58
C MET A 36 6.73 22.09 5.03
N LEU A 37 5.96 21.63 5.99
CA LEU A 37 6.01 20.28 6.53
C LEU A 37 4.64 19.64 6.27
N ARG A 38 4.57 18.75 5.27
CA ARG A 38 3.33 18.07 4.92
C ARG A 38 3.30 16.86 5.84
N THR A 39 2.47 16.89 6.89
CA THR A 39 2.22 15.75 7.79
C THR A 39 0.76 15.33 7.71
N GLU A 40 0.42 14.27 8.44
CA GLU A 40 -0.95 13.74 8.42
C GLU A 40 -1.66 13.98 9.75
N HIS A 41 -2.21 15.19 9.88
CA HIS A 41 -3.03 15.47 11.09
C HIS A 41 -4.11 14.40 10.88
N ASP A 42 -4.01 13.30 11.61
CA ASP A 42 -5.10 12.30 11.69
C ASP A 42 -5.62 12.03 10.28
N ASN A 43 -4.79 11.49 9.40
CA ASN A 43 -5.23 11.09 8.03
C ASN A 43 -5.59 12.29 7.15
N GLU A 44 -5.37 13.53 7.60
CA GLU A 44 -5.59 14.68 6.70
C GLU A 44 -4.29 15.35 6.28
N GLU A 45 -3.78 15.03 5.09
CA GLU A 45 -2.60 15.73 4.64
C GLU A 45 -2.79 17.22 4.92
N MET A 46 -1.87 17.80 5.68
CA MET A 46 -1.82 19.24 5.89
C MET A 46 -0.48 19.84 5.48
N SER A 47 -0.23 21.06 5.96
CA SER A 47 1.05 21.69 5.72
C SER A 47 1.33 22.64 6.89
N VAL A 48 2.51 22.54 7.48
CA VAL A 48 2.94 23.39 8.59
C VAL A 48 4.16 24.22 8.20
N PRO A 49 4.12 25.54 8.37
CA PRO A 49 5.28 26.39 8.04
C PRO A 49 6.44 26.09 8.96
N MET A 50 7.57 25.72 8.35
CA MET A 50 8.84 25.52 9.04
C MET A 50 9.56 26.86 9.25
N HIS A 51 10.28 26.97 10.39
CA HIS A 51 11.06 28.18 10.70
C HIS A 51 12.54 28.04 10.43
N LYS A 52 13.11 29.09 9.81
CA LYS A 52 14.56 29.21 9.72
C LYS A 52 15.10 29.51 11.11
N GLN A 53 16.36 29.17 11.38
CA GLN A 53 16.94 29.31 12.74
C GLN A 53 18.25 30.09 12.71
N ARG A 54 18.29 31.27 13.36
CA ARG A 54 19.52 32.08 13.47
C ARG A 54 20.70 31.11 13.66
N SER A 55 20.68 30.31 14.73
CA SER A 55 21.70 29.28 14.95
C SER A 55 21.94 28.20 13.89
N GLN A 56 23.08 28.27 13.16
CA GLN A 56 23.62 27.31 12.19
C GLN A 56 24.29 26.05 12.73
N PRO A 57 23.68 24.84 12.56
CA PRO A 57 24.19 23.62 13.24
C PRO A 57 25.57 23.04 12.93
N GLN A 58 25.83 22.79 11.66
CA GLN A 58 27.21 22.82 11.21
C GLN A 58 27.36 23.95 10.19
N PRO A 59 28.55 24.57 10.11
CA PRO A 59 28.71 25.74 9.25
C PRO A 59 28.46 25.49 7.77
N GLY A 60 27.91 26.53 7.11
CA GLY A 60 27.51 26.64 5.72
C GLY A 60 26.21 25.97 5.39
N VAL A 61 25.55 25.38 6.38
CA VAL A 61 24.31 24.65 6.23
C VAL A 61 23.34 25.19 7.28
N THR A 62 22.19 25.65 6.82
CA THR A 62 21.11 26.12 7.67
C THR A 62 20.15 25.00 8.04
N ALA A 63 19.49 25.18 9.19
CA ALA A 63 18.54 24.21 9.73
C ALA A 63 17.18 24.88 9.91
N TRP A 64 16.12 24.19 9.45
CA TRP A 64 14.74 24.65 9.50
C TRP A 64 13.90 23.72 10.38
N ARG A 65 13.10 24.30 11.28
CA ARG A 65 12.40 23.48 12.31
C ARG A 65 10.91 23.79 12.50
N ALA A 66 10.08 22.77 12.59
CA ALA A 66 8.64 22.82 12.81
C ALA A 66 8.20 21.68 13.75
N ALA A 67 6.92 21.66 14.07
CA ALA A 67 6.31 20.83 15.09
C ALA A 67 5.37 19.82 14.43
N ILE A 68 4.94 18.80 15.19
CA ILE A 68 3.76 17.97 14.88
C ILE A 68 3.07 17.79 16.21
N ASP A 69 1.90 18.39 16.37
CA ASP A 69 1.24 18.28 17.66
C ASP A 69 0.94 16.80 17.97
N LEU A 70 1.49 16.27 19.08
CA LEU A 70 1.36 14.84 19.36
C LEU A 70 0.26 14.52 20.36
N SER A 71 -0.33 15.54 21.00
CA SER A 71 -1.37 15.32 22.00
C SER A 71 -2.63 14.69 21.43
N SER A 72 -2.74 14.55 20.12
CA SER A 72 -3.97 13.99 19.58
C SER A 72 -3.66 13.33 18.28
N GLY A 73 -4.43 12.29 17.90
CA GLY A 73 -4.27 11.64 16.58
C GLY A 73 -3.68 10.25 16.66
N GLN A 74 -3.44 9.62 15.50
CA GLN A 74 -2.88 8.24 15.43
C GLN A 74 -1.39 8.26 15.79
N PRO A 75 -0.74 7.08 16.00
CA PRO A 75 0.64 7.05 16.44
C PRO A 75 1.69 7.15 15.31
N ARG A 76 1.42 6.57 14.15
CA ARG A 76 2.32 6.66 12.99
C ARG A 76 2.47 8.15 12.65
N ARG A 77 3.69 8.70 12.71
CA ARG A 77 3.93 10.14 12.43
C ARG A 77 4.49 10.26 11.01
N ARG A 78 3.62 10.39 10.02
CA ARG A 78 4.05 10.48 8.62
C ARG A 78 4.30 11.93 8.21
N TYR A 79 5.34 12.17 7.42
CA TYR A 79 5.58 13.56 7.03
C TYR A 79 6.52 13.65 5.84
N SER A 80 6.55 14.85 5.24
CA SER A 80 7.52 15.22 4.21
C SER A 80 7.59 16.75 4.07
N PHE A 81 8.61 17.19 3.35
CA PHE A 81 9.00 18.58 3.27
C PHE A 81 8.65 19.15 1.91
N LYS A 82 8.04 20.33 1.92
CA LYS A 82 7.67 21.03 0.70
C LYS A 82 8.60 22.23 0.70
N LEU A 83 9.59 22.20 -0.19
CA LEU A 83 10.43 23.36 -0.38
C LEU A 83 9.73 24.28 -1.38
N LEU A 84 9.63 25.57 -1.03
CA LEU A 84 8.94 26.53 -1.87
C LEU A 84 9.91 27.62 -2.33
N TRP A 85 9.86 27.89 -3.63
CA TRP A 85 10.35 29.06 -4.33
C TRP A 85 9.11 29.84 -4.77
N HIS A 86 9.30 30.90 -5.53
CA HIS A 86 8.18 31.66 -6.06
C HIS A 86 7.52 30.99 -7.27
N ASP A 87 8.27 30.18 -8.02
CA ASP A 87 7.75 29.58 -9.25
C ASP A 87 8.02 28.10 -9.22
N ARG A 88 9.14 27.72 -8.61
CA ARG A 88 9.53 26.33 -8.48
C ARG A 88 9.04 25.68 -7.20
N GLN A 89 8.82 24.37 -7.33
CA GLN A 89 8.43 23.45 -6.28
C GLN A 89 9.21 22.17 -6.41
N ARG A 90 10.06 21.90 -5.42
CA ARG A 90 10.76 20.63 -5.29
C ARG A 90 10.52 20.02 -3.92
N TRP A 91 10.21 18.73 -3.93
CA TRP A 91 9.85 17.95 -2.75
C TRP A 91 11.07 17.22 -2.23
N PHE A 92 11.25 17.18 -0.90
CA PHE A 92 12.31 16.39 -0.27
C PHE A 92 11.73 15.25 0.58
N THR A 93 12.17 14.02 0.30
CA THR A 93 11.61 12.77 0.79
C THR A 93 12.70 11.83 1.28
N PRO A 94 12.32 10.67 1.94
CA PRO A 94 13.31 9.63 2.20
C PRO A 94 14.05 9.29 0.94
N GLN A 95 13.30 8.93 -0.10
CA GLN A 95 13.92 8.57 -1.37
C GLN A 95 14.61 9.78 -2.03
N GLY A 96 14.52 10.97 -1.43
CA GLY A 96 15.34 12.10 -1.84
C GLY A 96 14.51 13.25 -2.38
N PHE A 97 15.06 13.95 -3.35
CA PHE A 97 14.38 15.03 -4.03
C PHE A 97 13.36 14.48 -5.02
N SER A 98 12.23 15.21 -5.17
CA SER A 98 11.18 14.86 -6.13
C SER A 98 10.52 16.16 -6.58
N ARG A 99 9.95 16.10 -7.79
CA ARG A 99 9.15 17.20 -8.28
C ARG A 99 7.65 16.91 -8.16
N MET A 100 7.24 15.65 -8.33
CA MET A 100 5.81 15.25 -8.20
C MET A 100 5.54 14.83 -6.75
N PRO A 101 4.51 15.36 -6.05
CA PRO A 101 4.20 14.91 -4.66
C PRO A 101 4.26 13.40 -4.51
N PRO A 102 4.98 12.91 -3.47
CA PRO A 102 5.16 11.47 -3.23
C PRO A 102 3.96 10.74 -2.63
N ALA A 103 4.10 9.44 -2.36
CA ALA A 103 3.00 8.60 -1.85
C ALA A 103 3.08 8.58 -0.33
N ARG A 104 2.02 8.10 0.33
CA ARG A 104 1.95 8.04 1.80
C ARG A 104 2.99 7.07 2.34
N LEU A 105 3.17 5.93 1.67
CA LEU A 105 4.18 4.92 2.07
C LEU A 105 5.57 5.54 1.88
N GLU A 106 5.81 6.20 0.73
CA GLU A 106 7.15 6.77 0.43
C GLU A 106 7.30 8.11 1.13
N GLN A 107 7.59 8.12 2.43
CA GLN A 107 7.78 9.37 3.22
C GLN A 107 8.44 9.03 4.56
N PHE A 108 9.23 9.93 5.14
CA PHE A 108 9.82 9.71 6.49
C PHE A 108 8.69 9.40 7.46
N ALA A 109 8.91 8.54 8.44
CA ALA A 109 7.89 8.19 9.44
C ALA A 109 8.50 7.81 10.80
N VAL A 110 7.69 7.84 11.86
CA VAL A 110 8.08 7.57 13.24
C VAL A 110 6.83 7.08 13.97
N ASP A 111 6.95 6.03 14.80
CA ASP A 111 5.83 5.52 15.62
C ASP A 111 5.89 6.18 17.00
N VAL A 112 5.65 7.48 17.10
CA VAL A 112 5.81 8.26 18.38
C VAL A 112 5.23 7.45 19.53
N PRO A 113 3.94 7.08 19.56
CA PRO A 113 3.40 6.20 20.60
C PRO A 113 3.82 4.74 20.38
N ASP A 114 5.12 4.48 20.15
CA ASP A 114 5.62 3.12 19.86
C ASP A 114 5.18 2.18 20.98
N ILE A 115 4.34 1.19 20.68
CA ILE A 115 3.88 0.18 21.68
C ILE A 115 4.30 -1.20 21.17
N GLY A 116 5.31 -1.27 20.29
CA GLY A 116 5.78 -2.53 19.71
C GLY A 116 7.01 -3.06 20.42
N PRO A 117 7.50 -4.27 20.08
CA PRO A 117 8.71 -4.86 20.67
C PRO A 117 9.70 -3.71 20.53
N GLN A 118 10.01 -3.05 21.66
CA GLN A 118 11.19 -2.20 21.77
C GLN A 118 12.44 -3.02 21.97
N TRP A 119 12.31 -4.09 22.75
CA TRP A 119 13.46 -5.01 22.83
C TRP A 119 13.55 -5.40 21.35
N ALA A 120 14.56 -6.15 20.92
CA ALA A 120 14.59 -6.65 19.52
C ALA A 120 14.84 -5.48 18.60
N ALA A 121 15.31 -4.36 19.14
CA ALA A 121 15.75 -3.20 18.34
C ALA A 121 17.25 -3.22 18.49
N ASP A 122 17.74 -4.15 19.33
CA ASP A 122 19.18 -4.27 19.67
C ASP A 122 19.44 -5.74 19.93
N GLN A 123 19.35 -6.57 18.90
CA GLN A 123 19.48 -8.00 19.12
C GLN A 123 20.18 -8.57 17.91
N ILE A 124 20.80 -9.74 18.09
CA ILE A 124 21.18 -10.61 16.99
C ILE A 124 20.38 -11.88 17.17
N PHE A 125 19.88 -12.42 16.08
CA PHE A 125 19.04 -13.60 16.16
C PHE A 125 19.81 -14.75 15.56
N TYR A 126 19.57 -15.93 16.12
CA TYR A 126 20.22 -17.13 15.62
C TYR A 126 19.12 -18.12 15.25
N GLN A 127 19.11 -18.54 14.00
CA GLN A 127 18.09 -19.45 13.52
C GLN A 127 18.55 -20.89 13.66
N ILE A 128 17.72 -21.75 14.28
CA ILE A 128 18.12 -23.20 14.33
C ILE A 128 16.99 -24.16 13.92
N PHE A 129 17.32 -25.21 13.16
CA PHE A 129 16.40 -26.32 12.83
C PHE A 129 16.80 -27.38 13.86
N PRO A 130 16.07 -27.56 14.98
CA PRO A 130 16.52 -28.44 16.08
C PRO A 130 17.10 -29.81 15.70
N ASP A 131 16.77 -30.36 14.53
CA ASP A 131 17.22 -31.75 14.20
C ASP A 131 18.59 -31.76 13.51
N ARG A 132 19.24 -30.61 13.30
CA ARG A 132 20.50 -30.62 12.56
C ARG A 132 21.61 -29.85 13.24
N PHE A 133 21.43 -29.52 14.52
CA PHE A 133 22.33 -28.66 15.26
C PHE A 133 23.18 -29.42 16.28
N ALA A 134 22.53 -30.05 17.28
CA ALA A 134 23.29 -30.64 18.39
C ALA A 134 22.53 -31.82 19.02
N ARG A 135 23.12 -33.04 18.96
CA ARG A 135 22.56 -34.23 19.58
C ARG A 135 23.01 -34.29 21.06
N SER A 136 22.05 -34.27 22.00
CA SER A 136 22.34 -34.40 23.46
C SER A 136 23.01 -35.73 23.75
N LEU A 137 23.53 -35.96 24.96
CA LEU A 137 24.30 -37.19 25.28
C LEU A 137 23.46 -38.23 26.05
N PRO A 138 22.58 -37.89 27.02
CA PRO A 138 21.70 -38.87 27.65
C PRO A 138 20.42 -38.81 26.83
N ARG A 139 20.08 -39.85 26.06
CA ARG A 139 18.94 -39.75 25.10
C ARG A 139 17.80 -40.69 25.50
N GLU A 140 16.63 -40.15 25.84
CA GLU A 140 15.46 -40.97 26.23
C GLU A 140 15.23 -41.97 25.08
N ALA A 141 14.81 -43.20 25.37
CA ALA A 141 14.59 -44.25 24.35
C ALA A 141 13.60 -43.77 23.28
N GLU A 142 12.77 -42.77 23.60
CA GLU A 142 11.73 -42.27 22.67
C GLU A 142 12.34 -41.31 21.65
N GLN A 143 13.62 -40.93 21.80
CA GLN A 143 14.26 -39.95 20.90
C GLN A 143 14.99 -40.68 19.77
N ASP A 144 15.02 -42.02 19.83
CA ASP A 144 15.66 -42.81 18.81
C ASP A 144 14.80 -43.95 18.29
N HIS A 145 13.51 -44.02 18.66
CA HIS A 145 12.62 -45.07 18.17
C HIS A 145 12.17 -44.73 16.76
N VAL A 146 12.13 -45.74 15.87
CA VAL A 146 11.95 -45.51 14.44
C VAL A 146 10.46 -45.48 14.15
N TYR A 147 9.97 -44.44 13.46
CA TYR A 147 8.53 -44.43 13.18
C TYR A 147 8.21 -44.28 11.70
N TYR A 148 6.94 -44.50 11.35
CA TYR A 148 6.48 -44.46 9.93
C TYR A 148 5.92 -43.10 9.56
N HIS A 149 6.52 -42.43 8.58
CA HIS A 149 6.03 -41.13 8.05
C HIS A 149 4.99 -41.47 6.99
N HIS A 150 3.74 -41.75 7.37
CA HIS A 150 2.65 -42.12 6.43
C HIS A 150 2.66 -41.12 5.28
N ALA A 151 2.79 -39.83 5.61
CA ALA A 151 2.86 -38.75 4.63
C ALA A 151 3.79 -39.09 3.46
N ALA A 152 4.98 -39.61 3.75
CA ALA A 152 5.94 -39.97 2.70
C ALA A 152 5.89 -41.45 2.34
N GLY A 153 5.27 -42.29 3.18
CA GLY A 153 5.21 -43.72 2.88
C GLY A 153 6.54 -44.42 2.90
N GLN A 154 7.18 -44.36 4.06
CA GLN A 154 8.47 -44.97 4.34
C GLN A 154 8.69 -44.72 5.83
N GLU A 155 9.52 -45.54 6.47
CA GLU A 155 9.88 -45.24 7.83
C GLU A 155 11.04 -44.25 7.86
N ILE A 156 11.12 -43.46 8.94
CA ILE A 156 12.20 -42.48 9.07
C ILE A 156 13.57 -43.15 9.17
N ILE A 157 14.57 -42.48 8.63
CA ILE A 157 15.94 -42.97 8.59
C ILE A 157 16.67 -42.29 9.74
N LEU A 158 16.99 -43.07 10.77
CA LEU A 158 17.86 -42.56 11.81
C LEU A 158 19.28 -42.70 11.30
N ARG A 159 20.10 -41.70 11.57
CA ARG A 159 21.42 -41.65 10.98
C ARG A 159 22.40 -41.17 12.03
N ASP A 160 23.67 -41.44 11.75
CA ASP A 160 24.74 -40.99 12.61
C ASP A 160 25.13 -39.62 12.08
N TRP A 161 25.39 -38.69 13.01
CA TRP A 161 25.59 -37.28 12.71
C TRP A 161 26.50 -37.05 11.50
N ASP A 162 27.46 -37.93 11.31
CA ASP A 162 28.48 -37.74 10.30
C ASP A 162 28.08 -38.36 8.97
N GLU A 163 26.86 -38.90 8.87
CA GLU A 163 26.44 -39.49 7.60
C GLU A 163 26.00 -38.37 6.67
N PRO A 164 26.15 -38.58 5.35
CA PRO A 164 25.82 -37.53 4.37
C PRO A 164 24.32 -37.24 4.23
N VAL A 165 24.02 -35.98 3.84
CA VAL A 165 22.66 -35.55 3.52
C VAL A 165 22.31 -36.06 2.12
N THR A 166 21.32 -36.95 2.03
CA THR A 166 20.91 -37.53 0.75
C THR A 166 19.70 -36.81 0.20
N ALA A 167 19.56 -36.93 -1.13
CA ALA A 167 18.38 -36.44 -1.84
C ALA A 167 17.13 -37.21 -1.42
N GLN A 168 17.26 -38.53 -1.25
CA GLN A 168 16.18 -39.40 -0.77
C GLN A 168 15.70 -39.07 0.64
N ALA A 169 14.41 -39.27 0.86
CA ALA A 169 13.82 -39.17 2.19
C ALA A 169 14.14 -37.82 2.79
N GLY A 170 14.07 -36.77 1.97
CA GLY A 170 14.49 -35.46 2.42
C GLY A 170 13.77 -34.99 3.67
N GLY A 171 12.45 -35.07 3.69
CA GLY A 171 11.81 -34.56 4.88
C GLY A 171 11.68 -35.55 5.99
N SER A 172 12.23 -36.73 5.81
CA SER A 172 11.99 -37.82 6.74
C SER A 172 13.26 -38.27 7.47
N THR A 173 14.45 -37.85 7.03
CA THR A 173 15.74 -38.28 7.63
C THR A 173 15.97 -37.50 8.92
N PHE A 174 16.47 -38.15 9.97
CA PHE A 174 16.68 -37.52 11.29
C PHE A 174 18.09 -37.77 11.83
N TYR A 175 18.79 -36.74 12.29
CA TYR A 175 20.10 -36.87 12.93
C TYR A 175 19.95 -36.82 14.44
N GLY A 176 18.96 -36.08 14.92
CA GLY A 176 18.54 -36.22 16.26
C GLY A 176 18.84 -35.08 17.13
N GLY A 177 18.99 -33.88 16.59
CA GLY A 177 19.26 -32.73 17.47
C GLY A 177 18.13 -32.49 18.45
N ASP A 178 18.39 -31.78 19.55
CA ASP A 178 17.29 -31.49 20.48
C ASP A 178 17.51 -30.17 21.22
N LEU A 179 16.46 -29.73 21.93
CA LEU A 179 16.49 -28.48 22.72
C LEU A 179 17.40 -28.71 23.91
N ASP A 180 17.86 -29.94 24.09
CA ASP A 180 18.83 -30.28 25.16
C ASP A 180 20.21 -30.07 24.58
N GLY A 181 20.35 -30.14 23.27
CA GLY A 181 21.63 -29.90 22.58
C GLY A 181 21.84 -28.40 22.45
N ILE A 182 20.75 -27.64 22.41
CA ILE A 182 20.82 -26.15 22.35
C ILE A 182 20.91 -25.67 23.79
N SER A 183 20.30 -26.39 24.73
CA SER A 183 20.42 -26.05 26.16
C SER A 183 21.81 -26.53 26.58
N GLU A 184 22.41 -27.46 25.84
CA GLU A 184 23.83 -27.86 26.08
C GLU A 184 24.75 -26.84 25.41
N LYS A 185 24.33 -26.25 24.29
CA LYS A 185 25.17 -25.29 23.53
C LYS A 185 24.81 -23.85 23.90
N LEU A 186 24.11 -23.63 25.01
CA LEU A 186 23.85 -22.28 25.48
C LEU A 186 25.11 -21.44 25.71
N PRO A 187 26.25 -22.07 26.08
CA PRO A 187 27.53 -21.35 26.15
C PRO A 187 28.04 -20.97 24.75
N TYR A 188 28.15 -21.91 23.80
CA TYR A 188 28.72 -21.62 22.48
C TYR A 188 28.20 -20.31 21.92
N LEU A 189 26.89 -20.10 22.03
CA LEU A 189 26.28 -18.90 21.44
C LEU A 189 26.70 -17.66 22.21
N LYS A 190 26.41 -17.67 23.53
CA LYS A 190 26.73 -16.55 24.43
C LYS A 190 28.08 -15.95 24.05
N LYS A 191 29.11 -16.78 23.89
CA LYS A 191 30.44 -16.31 23.47
C LYS A 191 30.43 -15.77 22.03
N LEU A 192 29.79 -16.49 21.10
CA LEU A 192 29.62 -15.96 19.76
C LEU A 192 28.93 -14.59 19.80
N GLY A 193 28.00 -14.38 20.72
CA GLY A 193 27.32 -13.10 20.85
C GLY A 193 25.84 -13.10 20.50
N VAL A 194 25.29 -14.26 20.10
CA VAL A 194 23.87 -14.37 19.84
C VAL A 194 23.12 -13.90 21.08
N THR A 195 21.97 -13.31 20.86
CA THR A 195 21.17 -12.77 21.92
C THR A 195 19.73 -13.28 21.86
N ALA A 196 19.40 -14.08 20.85
CA ALA A 196 18.05 -14.55 20.70
C ALA A 196 17.96 -15.65 19.64
N LEU A 197 17.10 -16.65 19.93
CA LEU A 197 16.92 -17.82 19.09
C LEU A 197 15.55 -17.80 18.39
N TYR A 198 15.57 -18.17 17.12
CA TYR A 198 14.37 -18.45 16.33
C TYR A 198 14.25 -19.96 16.20
N LEU A 199 13.18 -20.49 16.70
CA LEU A 199 13.02 -21.91 16.88
C LEU A 199 12.00 -22.46 15.90
N ASN A 200 12.45 -23.30 14.96
CA ASN A 200 11.55 -23.99 13.99
C ASN A 200 10.52 -24.80 14.78
N PRO A 201 9.49 -25.40 14.15
CA PRO A 201 8.44 -26.12 14.90
C PRO A 201 9.01 -27.14 15.89
N VAL A 202 8.53 -27.14 17.15
CA VAL A 202 9.00 -28.10 18.19
C VAL A 202 7.78 -28.82 18.77
N PHE A 203 6.65 -28.87 18.05
CA PHE A 203 5.40 -29.53 18.47
C PHE A 203 5.25 -30.90 17.79
N LYS A 204 4.50 -31.81 18.45
CA LYS A 204 4.44 -33.17 17.94
C LYS A 204 4.04 -33.16 16.47
N ALA A 205 4.77 -33.90 15.67
CA ALA A 205 4.54 -33.98 14.22
C ALA A 205 5.31 -35.19 13.71
N PRO A 206 5.11 -35.63 12.46
CA PRO A 206 5.90 -36.74 11.96
C PRO A 206 7.19 -36.40 11.20
N SER A 207 7.30 -35.22 10.58
CA SER A 207 8.46 -34.98 9.72
C SER A 207 9.68 -34.55 10.53
N VAL A 208 10.80 -34.41 9.82
CA VAL A 208 11.98 -33.97 10.53
C VAL A 208 11.87 -32.47 10.79
N HIS A 209 11.28 -31.71 9.83
CA HIS A 209 10.96 -30.28 9.95
C HIS A 209 9.71 -29.98 10.78
N LYS A 210 8.85 -30.96 11.03
CA LYS A 210 7.74 -30.83 11.99
C LYS A 210 6.77 -29.68 11.64
N TYR A 211 6.66 -29.36 10.32
CA TYR A 211 5.62 -28.43 9.83
C TYR A 211 4.27 -29.11 9.57
N ASP A 212 4.23 -30.44 9.39
CA ASP A 212 2.96 -31.18 9.48
C ASP A 212 2.59 -31.37 10.96
N THR A 213 2.19 -30.26 11.57
CA THR A 213 1.77 -30.24 12.95
C THR A 213 0.77 -31.35 13.27
N GLU A 214 0.94 -31.95 14.44
CA GLU A 214 0.03 -32.96 14.95
C GLU A 214 -0.57 -32.60 16.30
N ASP A 215 0.07 -31.74 17.06
CA ASP A 215 -0.62 -31.07 18.14
C ASP A 215 0.11 -29.79 18.40
N TYR A 216 -0.66 -28.75 18.68
CA TYR A 216 -0.11 -27.45 19.01
C TYR A 216 0.22 -27.23 20.51
N ARG A 217 -0.14 -28.15 21.43
CA ARG A 217 0.04 -27.89 22.89
C ARG A 217 1.22 -28.64 23.54
N HIS A 218 1.87 -29.55 22.80
CA HIS A 218 2.91 -30.40 23.32
C HIS A 218 3.99 -30.52 22.27
N VAL A 219 5.22 -30.67 22.79
CA VAL A 219 6.46 -30.75 22.04
C VAL A 219 6.75 -32.20 21.68
N ASP A 220 7.15 -32.45 20.39
CA ASP A 220 7.47 -33.77 19.83
C ASP A 220 8.41 -34.50 20.76
N PRO A 221 8.31 -35.84 20.87
CA PRO A 221 9.25 -36.61 21.67
C PRO A 221 10.66 -36.56 21.05
N GLN A 222 10.77 -36.82 19.75
CA GLN A 222 12.08 -36.82 19.05
C GLN A 222 12.79 -35.49 19.34
N PHE A 223 12.09 -34.37 19.17
CA PHE A 223 12.65 -33.02 19.47
C PHE A 223 12.91 -32.94 20.97
N GLY A 224 12.12 -33.64 21.78
CA GLY A 224 12.27 -33.66 23.25
C GLY A 224 10.94 -33.84 23.95
N GLY A 225 10.48 -32.81 24.67
CA GLY A 225 9.18 -32.84 25.37
C GLY A 225 8.89 -31.46 25.91
N ASP A 226 7.74 -31.27 26.57
CA ASP A 226 7.47 -29.99 27.26
C ASP A 226 8.64 -29.87 28.23
N GLY A 227 9.32 -30.99 28.51
CA GLY A 227 10.53 -31.01 29.35
C GLY A 227 11.70 -30.33 28.68
N ALA A 228 12.12 -30.75 27.47
CA ALA A 228 13.32 -30.16 26.87
C ALA A 228 13.23 -28.63 26.76
N LEU A 229 12.00 -28.11 26.55
CA LEU A 229 11.71 -26.69 26.29
C LEU A 229 11.61 -25.86 27.56
N LEU A 230 10.87 -26.33 28.57
CA LEU A 230 10.91 -25.67 29.87
C LEU A 230 12.34 -25.32 30.30
N ARG A 231 13.29 -26.15 29.88
CA ARG A 231 14.71 -25.97 30.15
C ARG A 231 15.31 -24.86 29.30
N LEU A 232 15.41 -25.08 27.98
CA LEU A 232 15.81 -23.99 27.08
C LEU A 232 15.07 -22.67 27.35
N ARG A 233 13.80 -22.71 27.81
CA ARG A 233 13.19 -21.43 28.17
C ARG A 233 13.85 -20.83 29.40
N HIS A 234 13.84 -21.56 30.55
CA HIS A 234 14.39 -21.06 31.81
C HIS A 234 15.90 -20.76 31.73
N ASN A 235 16.67 -21.64 31.07
CA ASN A 235 18.12 -21.51 30.99
C ASN A 235 18.55 -20.28 30.16
N THR A 236 17.89 -20.04 29.01
CA THR A 236 18.09 -18.80 28.24
C THR A 236 17.76 -17.53 29.02
N GLN A 237 16.71 -17.59 29.87
CA GLN A 237 16.21 -16.43 30.62
C GLN A 237 17.30 -15.78 31.44
N GLN A 238 18.12 -16.62 32.08
CA GLN A 238 19.26 -16.15 32.84
C GLN A 238 20.27 -15.43 31.96
N LEU A 239 20.72 -16.09 30.87
CA LEU A 239 21.76 -15.62 29.96
C LEU A 239 21.46 -14.38 29.13
N GLY A 240 20.25 -13.78 29.27
CA GLY A 240 19.81 -12.56 28.59
C GLY A 240 19.06 -12.86 27.29
N MET A 241 19.09 -14.11 26.85
CA MET A 241 18.70 -14.50 25.53
C MET A 241 17.20 -14.29 25.35
N ARG A 242 16.75 -14.39 24.07
CA ARG A 242 15.34 -14.39 23.68
C ARG A 242 14.99 -15.60 22.79
N LEU A 243 13.72 -16.00 22.87
CA LEU A 243 13.24 -17.24 22.26
C LEU A 243 11.94 -17.00 21.50
N VAL A 244 11.97 -17.16 20.17
CA VAL A 244 10.76 -17.13 19.33
C VAL A 244 10.65 -18.45 18.57
N LEU A 245 9.43 -19.00 18.57
CA LEU A 245 9.08 -20.29 17.98
C LEU A 245 8.44 -20.15 16.63
N ASP A 246 8.40 -21.28 15.95
CA ASP A 246 7.79 -21.39 14.65
C ASP A 246 6.38 -21.94 14.86
N GLY A 247 5.38 -21.21 14.35
CA GLY A 247 4.02 -21.70 14.22
C GLY A 247 3.64 -21.88 12.75
N VAL A 248 2.70 -22.75 12.52
CA VAL A 248 2.09 -22.84 11.21
C VAL A 248 0.62 -22.78 11.49
N PHE A 249 0.01 -21.66 11.17
CA PHE A 249 -1.43 -21.54 11.38
C PHE A 249 -2.20 -21.54 10.05
N ASN A 250 -1.46 -21.46 8.94
CA ASN A 250 -2.01 -21.65 7.62
C ASN A 250 -2.46 -23.09 7.39
N HIS A 251 -1.84 -24.06 8.05
CA HIS A 251 -2.17 -25.46 7.82
C HIS A 251 -1.70 -26.33 8.98
N SER A 252 -2.31 -27.51 9.08
CA SER A 252 -1.73 -28.53 9.94
C SER A 252 -1.31 -29.66 9.02
N GLY A 253 -1.02 -30.80 9.63
CA GLY A 253 -0.57 -31.99 8.94
C GLY A 253 -1.67 -33.04 8.82
N ASP A 254 -1.63 -33.82 7.72
CA ASP A 254 -2.73 -34.79 7.44
C ASP A 254 -2.86 -35.83 8.55
N SER A 255 -1.98 -35.78 9.55
CA SER A 255 -2.00 -36.70 10.64
C SER A 255 -2.53 -36.11 11.92
N HIS A 256 -2.61 -34.77 11.99
CA HIS A 256 -3.23 -34.13 13.18
C HIS A 256 -4.56 -34.83 13.45
N ALA A 257 -4.96 -35.00 14.71
CA ALA A 257 -6.26 -35.60 15.08
C ALA A 257 -7.38 -34.77 14.43
N TRP A 258 -7.10 -33.50 14.10
CA TRP A 258 -8.11 -32.57 13.50
C TRP A 258 -8.50 -33.05 12.09
N PHE A 259 -7.53 -33.23 11.19
CA PHE A 259 -7.78 -33.70 9.80
C PHE A 259 -7.03 -35.01 9.57
N ASP A 260 -7.25 -36.01 10.41
CA ASP A 260 -6.64 -37.36 10.20
C ASP A 260 -6.87 -37.85 8.78
N ARG A 261 -5.82 -38.29 8.11
CA ARG A 261 -5.95 -38.78 6.71
C ARG A 261 -5.50 -40.24 6.66
N HIS A 262 -4.92 -40.80 7.71
CA HIS A 262 -4.36 -42.18 7.62
C HIS A 262 -5.24 -43.17 8.40
N ASN A 263 -6.42 -42.75 8.87
CA ASN A 263 -7.28 -43.66 9.68
C ASN A 263 -6.38 -44.29 10.75
N ARG A 264 -5.26 -43.62 11.08
CA ARG A 264 -4.33 -44.14 12.09
C ARG A 264 -5.02 -44.00 13.45
N GLY A 265 -6.01 -43.10 13.55
CA GLY A 265 -6.71 -42.88 14.82
C GLY A 265 -8.19 -42.63 14.65
N THR A 266 -8.72 -41.57 15.25
CA THR A 266 -10.14 -41.28 15.22
C THR A 266 -10.41 -39.77 15.27
N GLY A 267 -11.53 -39.40 14.64
CA GLY A 267 -12.11 -38.07 14.55
C GLY A 267 -11.78 -37.24 13.33
N GLY A 268 -11.14 -37.80 12.31
CA GLY A 268 -10.57 -37.01 11.24
C GLY A 268 -11.55 -36.47 10.21
N ALA A 269 -11.30 -35.26 9.75
CA ALA A 269 -12.15 -34.65 8.75
C ALA A 269 -11.99 -35.25 7.36
N CYS A 270 -10.93 -36.03 7.08
CA CYS A 270 -10.72 -36.51 5.70
C CYS A 270 -11.77 -37.52 5.27
N HIS A 271 -11.75 -38.72 5.89
CA HIS A 271 -12.64 -39.82 5.51
C HIS A 271 -13.84 -39.97 6.44
N ASN A 272 -14.17 -38.91 7.20
CA ASN A 272 -15.30 -38.91 8.17
C ASN A 272 -16.02 -37.56 8.09
N PRO A 273 -17.25 -37.47 7.51
CA PRO A 273 -17.93 -36.19 7.28
C PRO A 273 -18.46 -35.42 8.50
N GLU A 274 -18.97 -36.09 9.53
CA GLU A 274 -19.59 -35.43 10.71
C GLU A 274 -18.53 -35.10 11.76
N SER A 275 -17.28 -34.90 11.35
CA SER A 275 -16.16 -34.63 12.29
C SER A 275 -16.60 -33.30 12.89
N PRO A 276 -16.31 -33.01 14.18
CA PRO A 276 -16.68 -31.74 14.80
C PRO A 276 -15.93 -30.60 14.14
N TRP A 277 -14.89 -30.90 13.36
CA TRP A 277 -14.04 -29.89 12.68
C TRP A 277 -14.10 -30.08 11.17
N ARG A 278 -15.18 -30.62 10.63
CA ARG A 278 -15.33 -30.78 9.17
C ARG A 278 -15.42 -29.41 8.46
N ASP A 279 -15.92 -28.37 9.13
CA ASP A 279 -15.91 -27.02 8.57
C ASP A 279 -14.59 -26.28 8.87
N TRP A 280 -13.73 -26.85 9.72
CA TRP A 280 -12.40 -26.29 10.06
C TRP A 280 -11.43 -26.52 8.90
N TYR A 281 -11.73 -27.48 8.02
CA TYR A 281 -10.88 -27.81 6.84
C TYR A 281 -11.76 -27.73 5.60
N SER A 282 -11.19 -27.37 4.44
CA SER A 282 -11.97 -27.21 3.23
C SER A 282 -11.85 -28.44 2.34
N PHE A 283 -12.99 -28.87 1.78
CA PHE A 283 -13.05 -30.00 0.83
C PHE A 283 -13.99 -29.58 -0.29
N SER A 284 -13.70 -29.93 -1.54
CA SER A 284 -14.55 -29.56 -2.71
C SER A 284 -15.70 -30.57 -2.84
N ASP A 285 -16.39 -30.59 -3.97
CA ASP A 285 -17.49 -31.57 -4.22
C ASP A 285 -16.86 -32.97 -4.16
N ASP A 286 -15.79 -33.21 -4.91
CA ASP A 286 -15.08 -34.48 -4.91
C ASP A 286 -14.57 -34.86 -3.53
N GLY A 287 -14.67 -33.95 -2.54
CA GLY A 287 -14.47 -34.28 -1.15
C GLY A 287 -13.04 -34.31 -0.65
N THR A 288 -12.06 -34.46 -1.55
CA THR A 288 -10.66 -34.31 -1.19
C THR A 288 -10.42 -32.94 -0.55
N ALA A 289 -9.51 -32.89 0.43
CA ALA A 289 -9.30 -31.67 1.19
C ALA A 289 -8.27 -30.73 0.56
N LEU A 290 -8.41 -29.47 0.94
CA LEU A 290 -7.63 -28.35 0.43
C LEU A 290 -6.27 -28.31 1.13
N ASP A 291 -5.22 -28.75 0.43
CA ASP A 291 -3.88 -28.77 0.99
C ASP A 291 -3.03 -27.64 0.42
N TRP A 292 -2.07 -27.20 1.22
CA TRP A 292 -1.10 -26.19 0.84
C TRP A 292 -0.27 -26.65 -0.37
N LEU A 293 -0.46 -25.96 -1.51
CA LEU A 293 0.30 -26.14 -2.76
C LEU A 293 0.45 -27.59 -3.19
N GLY A 294 -0.64 -28.37 -3.08
CA GLY A 294 -0.61 -29.73 -3.58
C GLY A 294 0.20 -30.73 -2.76
N TYR A 295 0.76 -30.30 -1.63
CA TYR A 295 1.38 -31.22 -0.67
C TYR A 295 0.29 -31.85 0.18
N ALA A 296 -0.12 -33.07 -0.19
CA ALA A 296 -1.15 -33.78 0.57
C ALA A 296 -0.81 -33.86 2.05
N SER A 297 0.45 -33.61 2.37
CA SER A 297 0.96 -33.64 3.72
C SER A 297 0.43 -32.49 4.55
N LEU A 298 -0.08 -31.44 3.92
CA LEU A 298 -0.45 -30.22 4.63
C LEU A 298 -1.88 -29.76 4.39
N PRO A 299 -2.83 -30.31 5.14
CA PRO A 299 -4.21 -29.80 5.08
C PRO A 299 -4.40 -28.30 5.34
N LYS A 300 -5.10 -27.59 4.44
CA LYS A 300 -5.34 -26.13 4.59
C LYS A 300 -6.31 -25.91 5.75
N LEU A 301 -6.25 -24.77 6.42
CA LEU A 301 -7.13 -24.44 7.54
C LEU A 301 -8.05 -23.30 7.11
N ASP A 302 -9.36 -23.51 7.31
CA ASP A 302 -10.43 -22.55 6.97
C ASP A 302 -10.85 -21.80 8.23
N TYR A 303 -10.39 -20.56 8.34
CA TYR A 303 -10.70 -19.72 9.49
C TYR A 303 -12.06 -19.09 9.42
N GLN A 304 -12.94 -19.53 8.51
CA GLN A 304 -14.33 -19.03 8.53
C GLN A 304 -14.95 -19.59 9.80
N SER A 305 -14.59 -20.82 10.19
CA SER A 305 -15.13 -21.44 11.38
C SER A 305 -14.87 -20.59 12.62
N GLU A 306 -15.93 -20.08 13.26
CA GLU A 306 -15.76 -19.38 14.52
C GLU A 306 -14.99 -20.22 15.56
N SER A 307 -15.16 -21.55 15.51
CA SER A 307 -14.48 -22.44 16.44
C SER A 307 -12.95 -22.45 16.23
N LEU A 308 -12.49 -22.69 14.99
CA LEU A 308 -11.07 -22.57 14.63
C LEU A 308 -10.44 -21.32 15.22
N VAL A 309 -11.06 -20.18 14.95
CA VAL A 309 -10.53 -18.92 15.43
C VAL A 309 -10.43 -18.91 16.96
N ASN A 310 -11.29 -19.66 17.67
CA ASN A 310 -11.07 -19.83 19.12
C ASN A 310 -9.86 -20.72 19.45
N GLU A 311 -9.77 -21.88 18.82
CA GLU A 311 -8.59 -22.69 19.05
C GLU A 311 -7.32 -21.93 18.67
N ILE A 312 -7.29 -21.28 17.51
CA ILE A 312 -6.05 -20.63 17.10
C ILE A 312 -5.78 -19.39 17.93
N TYR A 313 -6.64 -18.40 17.88
CA TYR A 313 -6.11 -17.26 18.60
C TYR A 313 -7.09 -16.61 19.56
N ARG A 314 -8.40 -16.62 19.29
CA ARG A 314 -9.27 -15.77 20.10
C ARG A 314 -9.48 -16.29 21.52
N GLY A 315 -9.84 -17.58 21.68
CA GLY A 315 -10.22 -18.11 22.99
C GLY A 315 -9.09 -18.14 24.01
N GLU A 316 -9.47 -18.04 25.30
CA GLU A 316 -8.50 -17.76 26.38
C GLU A 316 -7.36 -18.75 26.37
N ASP A 317 -7.66 -20.01 26.07
CA ASP A 317 -6.63 -21.02 25.81
C ASP A 317 -6.32 -21.24 24.35
N SER A 318 -6.21 -20.16 23.57
CA SER A 318 -5.78 -20.32 22.19
C SER A 318 -4.34 -20.85 22.09
N ILE A 319 -4.08 -21.56 20.99
CA ILE A 319 -2.73 -21.98 20.64
C ILE A 319 -1.77 -20.79 20.63
N VAL A 320 -2.21 -19.64 20.10
CA VAL A 320 -1.36 -18.41 20.07
C VAL A 320 -1.06 -17.99 21.51
N ARG A 321 -2.07 -17.52 22.25
CA ARG A 321 -1.90 -17.05 23.65
C ARG A 321 -1.25 -18.15 24.49
N HIS A 322 -1.51 -19.43 24.21
CA HIS A 322 -1.00 -20.58 25.01
C HIS A 322 0.52 -20.51 25.20
N TRP A 323 1.30 -20.59 24.11
CA TRP A 323 2.76 -20.58 24.21
C TRP A 323 3.30 -19.23 24.58
N LEU A 324 2.42 -18.27 24.86
CA LEU A 324 2.83 -16.92 25.13
C LEU A 324 2.54 -16.49 26.57
N LYS A 325 1.86 -17.35 27.36
CA LYS A 325 1.49 -17.10 28.76
C LYS A 325 2.21 -18.08 29.70
N ALA A 326 2.01 -17.87 31.02
CA ALA A 326 2.50 -18.80 32.03
C ALA A 326 2.17 -20.24 31.65
N PRO A 327 3.13 -21.20 31.72
CA PRO A 327 4.51 -21.32 32.22
C PRO A 327 5.58 -21.06 31.18
N TRP A 328 5.19 -20.63 29.98
CA TRP A 328 6.15 -20.43 28.87
C TRP A 328 6.58 -18.96 28.79
N ASN A 329 5.62 -18.06 28.55
CA ASN A 329 5.97 -16.62 28.38
C ASN A 329 7.00 -16.51 27.25
N MET A 330 6.86 -17.33 26.20
CA MET A 330 7.77 -17.29 25.04
C MET A 330 7.92 -15.85 24.56
N ASP A 331 9.02 -15.53 23.87
CA ASP A 331 9.24 -14.15 23.42
C ASP A 331 8.51 -13.79 22.10
N GLY A 332 7.75 -14.69 21.50
CA GLY A 332 6.93 -14.32 20.36
C GLY A 332 6.77 -15.46 19.36
N TRP A 333 6.25 -15.09 18.17
CA TRP A 333 5.77 -16.04 17.17
C TRP A 333 6.37 -15.71 15.79
N ARG A 334 6.67 -16.76 15.02
CA ARG A 334 7.11 -16.60 13.61
C ARG A 334 5.92 -17.08 12.77
N LEU A 335 5.54 -16.37 11.72
CA LEU A 335 4.33 -16.66 10.91
C LEU A 335 4.72 -17.47 9.65
N ASP A 336 4.28 -18.73 9.56
CA ASP A 336 4.55 -19.59 8.38
C ASP A 336 3.53 -19.25 7.29
N VAL A 337 3.98 -19.01 6.06
CA VAL A 337 3.07 -18.62 4.94
C VAL A 337 1.99 -17.71 5.52
N VAL A 338 2.39 -16.59 6.14
CA VAL A 338 1.45 -15.65 6.81
C VAL A 338 0.49 -15.05 5.78
N HIS A 339 0.89 -14.97 4.51
CA HIS A 339 0.07 -14.39 3.42
C HIS A 339 -0.79 -15.47 2.76
N MET A 340 -1.06 -16.58 3.45
CA MET A 340 -1.86 -17.71 2.90
C MET A 340 -2.95 -18.15 3.89
N LEU A 341 -2.89 -17.71 5.14
CA LEU A 341 -3.86 -18.10 6.19
C LEU A 341 -5.16 -17.33 5.98
N GLY A 342 -6.22 -18.00 5.51
CA GLY A 342 -7.52 -17.33 5.33
C GLY A 342 -8.68 -18.29 5.45
N GLU A 343 -9.82 -17.97 4.84
CA GLU A 343 -11.04 -18.78 4.90
C GLU A 343 -11.36 -19.41 3.55
N ALA A 344 -12.37 -20.28 3.57
CA ALA A 344 -12.81 -21.07 2.42
C ALA A 344 -11.62 -21.52 1.60
N GLY A 345 -10.62 -22.06 2.30
CA GLY A 345 -9.34 -22.44 1.70
C GLY A 345 -8.74 -21.44 0.73
N GLY A 346 -8.68 -20.19 1.14
CA GLY A 346 -8.10 -19.17 0.30
C GLY A 346 -7.70 -18.06 1.23
N ALA A 347 -7.26 -16.95 0.64
CA ALA A 347 -6.83 -15.82 1.45
C ALA A 347 -7.97 -14.86 1.78
N ARG A 348 -9.21 -15.40 1.93
CA ARG A 348 -10.41 -14.61 2.25
C ARG A 348 -10.30 -13.97 3.63
N ASN A 349 -10.38 -12.64 3.64
CA ASN A 349 -10.15 -11.81 4.82
C ASN A 349 -8.86 -12.24 5.52
N ASN A 350 -7.78 -12.37 4.75
CA ASN A 350 -6.49 -12.74 5.34
C ASN A 350 -6.05 -11.71 6.37
N MET A 351 -5.98 -10.44 5.96
CA MET A 351 -5.63 -9.35 6.91
C MET A 351 -6.55 -9.42 8.13
N GLN A 352 -7.70 -10.12 8.07
CA GLN A 352 -8.61 -10.17 9.22
C GLN A 352 -8.08 -11.10 10.30
N HIS A 353 -7.65 -12.27 9.90
CA HIS A 353 -7.16 -13.21 10.87
C HIS A 353 -5.73 -12.92 11.29
N VAL A 354 -4.88 -12.47 10.35
CA VAL A 354 -3.52 -12.02 10.70
C VAL A 354 -3.56 -10.92 11.75
N ALA A 355 -4.22 -9.82 11.43
CA ALA A 355 -4.54 -8.80 12.42
C ALA A 355 -5.12 -9.39 13.70
N GLY A 356 -6.01 -10.34 13.57
CA GLY A 356 -6.57 -10.91 14.78
C GLY A 356 -5.59 -11.44 15.80
N ILE A 357 -4.78 -12.40 15.36
CA ILE A 357 -3.78 -13.06 16.20
C ILE A 357 -2.97 -12.02 16.95
N THR A 358 -2.31 -11.17 16.21
CA THR A 358 -1.39 -10.25 16.84
C THR A 358 -2.08 -9.42 17.92
N GLU A 359 -3.39 -9.19 17.84
CA GLU A 359 -4.09 -8.63 18.99
C GLU A 359 -3.99 -9.54 20.19
N ALA A 360 -4.37 -10.82 19.99
CA ALA A 360 -4.45 -11.80 21.08
C ALA A 360 -3.12 -11.93 21.80
N ALA A 361 -2.04 -12.19 21.04
CA ALA A 361 -0.69 -12.08 21.57
C ALA A 361 -0.56 -10.82 22.45
N LYS A 362 -0.85 -9.64 21.88
CA LYS A 362 -0.61 -8.39 22.59
C LYS A 362 -1.42 -8.22 23.88
N GLU A 363 -2.47 -8.99 24.09
CA GLU A 363 -3.10 -8.94 25.41
C GLU A 363 -2.38 -9.88 26.37
N THR A 364 -1.77 -10.91 25.83
CA THR A 364 -0.95 -11.77 26.66
C THR A 364 0.39 -11.10 26.95
N GLN A 365 1.25 -10.95 25.93
CA GLN A 365 2.63 -10.46 26.06
C GLN A 365 2.56 -9.15 25.28
N PRO A 366 2.32 -8.00 25.95
CA PRO A 366 2.45 -6.67 25.30
C PRO A 366 3.76 -6.42 24.52
N GLU A 367 4.82 -7.12 24.92
CA GLU A 367 6.14 -6.97 24.33
C GLU A 367 6.46 -8.03 23.31
N ALA A 368 5.48 -8.75 22.75
CA ALA A 368 5.83 -9.94 21.95
C ALA A 368 6.10 -9.57 20.51
N TYR A 369 6.92 -10.38 19.82
CA TYR A 369 7.45 -9.98 18.52
C TYR A 369 7.06 -10.98 17.41
N ILE A 370 6.38 -10.46 16.36
CA ILE A 370 5.64 -11.27 15.39
C ILE A 370 6.07 -10.96 13.97
N VAL A 371 6.52 -12.02 13.28
CA VAL A 371 7.28 -11.92 12.03
C VAL A 371 6.58 -12.64 10.88
N GLY A 372 6.51 -11.95 9.74
CA GLY A 372 5.85 -12.49 8.56
C GLY A 372 6.87 -13.04 7.59
N GLU A 373 6.53 -14.21 7.06
CA GLU A 373 7.33 -14.90 6.06
C GLU A 373 6.84 -14.44 4.67
N HIS A 374 7.36 -13.29 4.22
CA HIS A 374 7.00 -12.67 2.94
C HIS A 374 8.19 -12.77 1.99
N PHE A 375 8.10 -13.64 1.00
CA PHE A 375 9.16 -13.65 0.00
C PHE A 375 9.02 -12.53 -1.06
N GLY A 376 7.98 -11.73 -0.98
CA GLY A 376 7.76 -10.78 -2.06
C GLY A 376 7.42 -9.47 -1.43
N ASP A 377 6.70 -8.58 -2.12
CA ASP A 377 6.25 -7.31 -1.50
C ASP A 377 5.39 -7.65 -0.28
N ALA A 378 5.79 -7.21 0.91
CA ALA A 378 5.06 -7.50 2.15
C ALA A 378 4.54 -6.19 2.69
N ARG A 379 4.80 -5.07 2.02
CA ARG A 379 4.45 -3.72 2.52
C ARG A 379 3.24 -3.67 3.46
N GLN A 380 2.00 -3.89 3.00
CA GLN A 380 0.70 -3.68 3.72
C GLN A 380 0.37 -4.59 4.88
N TRP A 381 0.79 -5.84 4.85
CA TRP A 381 0.57 -6.70 6.00
C TRP A 381 1.10 -5.73 7.06
N LEU A 382 2.13 -4.95 6.70
CA LEU A 382 2.79 -4.06 7.67
C LEU A 382 2.33 -2.62 7.57
N GLN A 383 1.93 -2.15 6.38
CA GLN A 383 1.34 -0.82 6.29
C GLN A 383 0.14 -0.71 7.21
N ALA A 384 -0.55 -1.85 7.37
CA ALA A 384 -1.73 -2.06 8.20
C ALA A 384 -1.40 -2.25 9.67
N ASP A 385 -0.18 -2.75 9.95
CA ASP A 385 0.28 -3.07 11.30
C ASP A 385 -0.41 -4.32 11.87
N VAL A 386 -0.56 -5.34 11.02
CA VAL A 386 -0.97 -6.67 11.48
C VAL A 386 0.19 -7.49 12.02
N GLU A 387 1.41 -6.94 11.98
CA GLU A 387 2.64 -7.60 12.38
C GLU A 387 3.61 -6.58 13.02
N ASP A 388 4.50 -7.07 13.89
CA ASP A 388 5.51 -6.19 14.53
C ASP A 388 6.68 -6.10 13.56
N ALA A 389 6.91 -7.13 12.76
CA ALA A 389 8.11 -7.20 11.89
C ALA A 389 7.83 -8.14 10.72
N ALA A 390 8.64 -8.07 9.66
CA ALA A 390 8.49 -9.01 8.52
C ALA A 390 9.87 -9.51 8.10
N MET A 391 10.04 -10.83 7.97
CA MET A 391 11.32 -11.44 7.52
C MET A 391 11.68 -10.64 6.29
N ASN A 392 12.79 -9.90 6.29
CA ASN A 392 12.99 -8.95 5.21
C ASN A 392 13.70 -9.74 4.12
N TYR A 393 12.93 -10.48 3.31
CA TYR A 393 13.48 -11.22 2.15
C TYR A 393 13.65 -10.25 0.98
N ARG A 394 12.69 -9.33 0.81
CA ARG A 394 12.69 -8.36 -0.33
C ARG A 394 13.65 -7.20 -0.06
N GLY A 395 13.54 -6.54 1.09
CA GLY A 395 14.34 -5.33 1.37
C GLY A 395 15.81 -5.62 1.59
N PHE A 396 16.19 -6.76 2.19
CA PHE A 396 17.61 -7.03 2.51
C PHE A 396 18.21 -8.24 1.77
N THR A 397 17.82 -9.48 2.01
CA THR A 397 18.45 -10.72 1.44
C THR A 397 18.61 -10.79 -0.08
N PHE A 398 17.56 -10.99 -0.85
CA PHE A 398 17.46 -11.09 -2.33
C PHE A 398 18.18 -9.92 -3.01
N PRO A 399 18.16 -8.71 -2.45
CA PRO A 399 18.91 -7.58 -3.00
C PRO A 399 20.42 -7.88 -2.98
N LEU A 400 20.88 -8.60 -1.96
CA LEU A 400 22.32 -8.99 -1.84
C LEU A 400 22.58 -10.22 -2.71
N TRP A 401 21.55 -10.99 -3.07
CA TRP A 401 21.73 -12.11 -3.99
C TRP A 401 22.01 -11.62 -5.39
N GLY A 402 21.40 -10.50 -5.76
CA GLY A 402 21.60 -9.98 -7.09
C GLY A 402 22.94 -9.30 -7.21
N PHE A 403 23.20 -8.45 -6.22
CA PHE A 403 24.44 -7.68 -6.20
C PHE A 403 25.64 -8.60 -6.07
N LEU A 404 25.72 -9.38 -4.98
CA LEU A 404 26.92 -10.17 -4.65
C LEU A 404 26.99 -11.53 -5.34
N ALA A 405 25.85 -12.23 -5.48
CA ALA A 405 25.87 -13.58 -6.05
C ALA A 405 25.36 -13.66 -7.49
N ASN A 406 24.72 -12.58 -8.00
CA ASN A 406 24.12 -12.47 -9.36
C ASN A 406 23.06 -13.53 -9.62
N THR A 407 21.97 -13.41 -8.85
CA THR A 407 20.89 -14.38 -8.84
C THR A 407 19.73 -13.76 -8.06
N ASP A 408 18.53 -14.32 -8.26
CA ASP A 408 17.27 -13.89 -7.65
C ASP A 408 16.61 -15.04 -6.91
N ILE A 409 15.46 -14.72 -6.31
CA ILE A 409 14.70 -15.64 -5.48
C ILE A 409 14.29 -16.93 -6.21
N SER A 410 14.39 -16.96 -7.53
CA SER A 410 14.08 -18.19 -8.26
C SER A 410 15.31 -18.78 -8.91
N TYR A 411 16.51 -18.36 -8.48
CA TYR A 411 17.80 -18.86 -8.95
C TYR A 411 17.96 -18.73 -10.47
N ASP A 412 17.70 -17.53 -10.97
CA ASP A 412 17.93 -17.27 -12.38
C ASP A 412 19.02 -16.19 -12.43
N PRO A 413 19.57 -15.91 -13.60
CA PRO A 413 20.43 -14.73 -13.73
C PRO A 413 19.77 -13.45 -13.23
N GLN A 414 20.58 -12.57 -12.63
CA GLN A 414 20.08 -11.25 -12.13
C GLN A 414 21.28 -10.28 -12.11
N GLN A 415 21.37 -9.34 -13.06
CA GLN A 415 22.49 -8.41 -13.14
C GLN A 415 22.05 -7.08 -12.61
N ILE A 416 22.56 -6.70 -11.44
CA ILE A 416 22.24 -5.40 -10.91
C ILE A 416 23.53 -4.71 -10.54
N ASP A 417 23.47 -3.40 -10.36
CA ASP A 417 24.58 -2.64 -9.79
C ASP A 417 24.22 -2.11 -8.40
N ALA A 418 25.19 -1.38 -7.82
CA ALA A 418 25.05 -0.73 -6.52
C ALA A 418 23.93 0.31 -6.52
N GLN A 419 23.89 1.12 -7.58
CA GLN A 419 22.86 2.14 -7.77
C GLN A 419 21.45 1.52 -7.81
N THR A 420 21.26 0.53 -8.69
CA THR A 420 19.98 -0.18 -8.77
C THR A 420 19.59 -0.75 -7.40
N CYS A 421 20.53 -1.46 -6.78
CA CYS A 421 20.32 -2.06 -5.45
C CYS A 421 19.91 -1.00 -4.44
N MET A 422 20.75 0.02 -4.18
CA MET A 422 20.49 0.99 -3.12
C MET A 422 19.14 1.69 -3.31
N ALA A 423 18.73 1.89 -4.56
CA ALA A 423 17.36 2.31 -4.88
C ALA A 423 16.30 1.32 -4.39
N TRP A 424 16.37 0.07 -4.88
CA TRP A 424 15.53 -1.04 -4.43
C TRP A 424 15.41 -1.10 -2.92
N MET A 425 16.55 -1.11 -2.23
CA MET A 425 16.57 -1.12 -0.74
C MET A 425 15.86 0.15 -0.27
N ASP A 426 16.45 1.33 -0.50
CA ASP A 426 15.89 2.64 -0.04
C ASP A 426 14.39 2.73 -0.36
N ASN A 427 13.90 2.13 -1.45
CA ASN A 427 12.49 2.23 -1.86
C ASN A 427 11.58 1.47 -0.89
N TYR A 428 11.80 0.17 -0.73
CA TYR A 428 11.04 -0.65 0.21
C TYR A 428 11.04 -0.03 1.61
N ARG A 429 12.24 0.32 2.09
CA ARG A 429 12.37 0.83 3.46
C ARG A 429 11.58 2.09 3.63
N ALA A 430 11.60 2.96 2.59
CA ALA A 430 10.81 4.18 2.58
C ALA A 430 9.36 3.91 2.93
N GLY A 431 8.82 2.74 2.54
CA GLY A 431 7.46 2.45 2.95
C GLY A 431 7.24 2.21 4.44
N LEU A 432 8.32 2.03 5.21
CA LEU A 432 8.25 1.73 6.66
C LEU A 432 8.73 2.89 7.52
N SER A 433 8.05 3.19 8.63
CA SER A 433 8.47 4.19 9.57
C SER A 433 9.79 3.74 10.18
N HIS A 434 10.57 4.67 10.76
CA HIS A 434 11.92 4.35 11.31
C HIS A 434 11.80 3.19 12.28
N GLN A 435 11.06 3.34 13.37
CA GLN A 435 10.76 2.26 14.30
C GLN A 435 10.25 1.01 13.59
N GLN A 436 9.67 1.16 12.40
CA GLN A 436 9.43 -0.02 11.61
C GLN A 436 10.72 -0.53 10.96
N GLN A 437 11.61 0.36 10.51
CA GLN A 437 12.78 -0.19 9.84
C GLN A 437 13.61 -1.04 10.81
N LEU A 438 13.60 -0.67 12.10
CA LEU A 438 14.52 -1.19 13.12
C LEU A 438 14.25 -2.61 13.56
N ARG A 439 13.00 -3.10 13.44
CA ARG A 439 12.54 -4.43 13.85
C ARG A 439 12.51 -5.42 12.70
N MET A 440 13.05 -5.08 11.55
CA MET A 440 12.96 -5.95 10.38
C MET A 440 13.78 -7.23 10.58
N PHE A 441 13.41 -8.34 9.92
CA PHE A 441 14.19 -9.59 10.09
C PHE A 441 15.13 -9.87 8.91
N ASN A 442 16.07 -8.94 8.74
CA ASN A 442 17.07 -9.01 7.63
C ASN A 442 18.07 -10.13 7.89
N GLN A 443 18.06 -11.17 7.07
CA GLN A 443 18.98 -12.30 7.17
C GLN A 443 19.56 -12.52 5.78
N LEU A 444 20.31 -13.59 5.56
CA LEU A 444 21.00 -13.76 4.25
C LEU A 444 20.63 -15.10 3.61
N ASP A 445 20.39 -16.12 4.42
CA ASP A 445 19.94 -17.44 3.92
C ASP A 445 19.02 -18.04 4.96
N SER A 446 18.48 -19.22 4.69
CA SER A 446 17.58 -19.91 5.64
C SER A 446 17.33 -21.31 5.10
N HIS A 447 16.54 -22.08 5.84
CA HIS A 447 16.21 -23.49 5.49
C HIS A 447 15.30 -23.54 4.27
N ASP A 448 14.83 -22.39 3.78
CA ASP A 448 13.97 -22.34 2.62
C ASP A 448 14.85 -21.98 1.42
N THR A 449 16.15 -21.75 1.66
CA THR A 449 17.09 -21.36 0.61
C THR A 449 18.31 -22.24 0.69
N ALA A 450 19.15 -22.14 -0.34
CA ALA A 450 20.49 -22.69 -0.23
C ALA A 450 21.28 -21.95 0.84
N ARG A 451 22.39 -22.54 1.26
CA ARG A 451 23.30 -21.79 2.08
C ARG A 451 23.86 -20.66 1.22
N PHE A 452 23.91 -19.44 1.77
CA PHE A 452 24.37 -18.30 0.97
C PHE A 452 25.75 -18.53 0.37
N LYS A 453 26.69 -19.03 1.17
CA LYS A 453 28.03 -19.29 0.68
C LYS A 453 27.98 -20.10 -0.64
N THR A 454 27.18 -21.19 -0.68
CA THR A 454 27.08 -22.03 -1.88
C THR A 454 26.42 -21.31 -3.06
N LEU A 455 25.68 -20.25 -2.83
CA LEU A 455 25.12 -19.54 -3.96
C LEU A 455 26.14 -18.67 -4.67
N LEU A 456 27.01 -18.00 -3.91
CA LEU A 456 28.01 -17.11 -4.50
C LEU A 456 28.82 -17.79 -5.58
N GLY A 457 28.89 -19.13 -5.57
CA GLY A 457 29.58 -19.85 -6.62
C GLY A 457 31.02 -19.41 -6.74
N ARG A 458 31.38 -18.99 -7.93
CA ARG A 458 32.75 -18.56 -8.17
C ARG A 458 33.14 -17.20 -7.46
N ASP A 459 32.32 -16.54 -6.64
CA ASP A 459 32.70 -15.30 -5.97
C ASP A 459 32.74 -15.45 -4.46
N ILE A 460 32.86 -16.70 -3.98
CA ILE A 460 32.82 -17.04 -2.53
C ILE A 460 33.60 -16.02 -1.70
N ALA A 461 34.59 -15.38 -2.29
CA ALA A 461 35.41 -14.37 -1.60
C ALA A 461 34.52 -13.23 -1.10
N ARG A 462 33.34 -13.08 -1.66
CA ARG A 462 32.43 -11.95 -1.33
C ARG A 462 31.66 -12.22 -0.04
N LEU A 463 31.55 -13.48 0.38
CA LEU A 463 30.83 -13.81 1.60
C LEU A 463 31.10 -12.83 2.75
N PRO A 464 32.35 -12.42 3.00
CA PRO A 464 32.58 -11.46 4.09
C PRO A 464 31.69 -10.25 3.98
N LEU A 465 31.89 -9.53 2.86
CA LEU A 465 31.14 -8.29 2.56
C LEU A 465 29.71 -8.52 2.99
N ALA A 466 29.14 -9.67 2.66
CA ALA A 466 27.74 -9.96 2.97
C ALA A 466 27.59 -9.96 4.49
N VAL A 467 28.49 -10.61 5.22
CA VAL A 467 28.40 -10.74 6.70
C VAL A 467 28.77 -9.40 7.34
N VAL A 468 29.44 -8.51 6.62
CA VAL A 468 29.81 -7.17 7.14
C VAL A 468 28.59 -6.27 6.95
N TRP A 469 27.87 -6.48 5.87
CA TRP A 469 26.68 -5.68 5.49
C TRP A 469 25.57 -6.09 6.43
N LEU A 470 25.48 -7.39 6.66
CA LEU A 470 24.41 -7.92 7.46
C LEU A 470 24.26 -7.22 8.82
N PHE A 471 25.34 -6.69 9.41
CA PHE A 471 25.18 -6.15 10.77
C PHE A 471 25.10 -4.63 10.83
N THR A 472 25.34 -3.95 9.71
CA THR A 472 25.28 -2.49 9.64
C THR A 472 23.97 -1.99 9.03
N TRP A 473 23.19 -2.88 8.35
CA TRP A 473 21.92 -2.50 7.77
C TRP A 473 20.81 -2.40 8.82
N PRO A 474 19.86 -1.45 8.66
CA PRO A 474 18.86 -1.17 9.71
C PRO A 474 17.93 -2.34 9.97
N GLY A 475 17.55 -2.51 11.25
CA GLY A 475 16.76 -3.67 11.63
C GLY A 475 17.47 -4.56 12.65
N VAL A 476 16.83 -5.73 12.87
CA VAL A 476 17.39 -6.85 13.63
C VAL A 476 17.99 -7.86 12.65
N PRO A 477 19.30 -8.16 12.71
CA PRO A 477 19.87 -9.20 11.83
C PRO A 477 19.80 -10.60 12.46
N CYS A 478 19.85 -11.64 11.62
CA CYS A 478 19.75 -13.06 12.09
C CYS A 478 20.88 -13.89 11.48
N ILE A 479 21.17 -15.08 12.03
CA ILE A 479 22.25 -15.97 11.54
C ILE A 479 21.76 -17.42 11.57
N TYR A 480 21.47 -18.03 10.42
CA TYR A 480 20.98 -19.41 10.33
C TYR A 480 22.16 -20.27 10.73
N TYR A 481 21.97 -21.26 11.61
CA TYR A 481 23.02 -22.12 12.15
C TYR A 481 23.93 -22.61 11.01
N GLY A 482 25.25 -22.66 11.25
CA GLY A 482 26.15 -23.16 10.25
C GLY A 482 26.78 -22.10 9.39
N ASP A 483 26.08 -20.97 9.21
CA ASP A 483 26.62 -19.80 8.52
C ASP A 483 27.85 -19.22 9.24
N GLU A 484 27.80 -18.94 10.54
CA GLU A 484 28.97 -18.32 11.20
C GLU A 484 30.19 -19.22 10.97
N VAL A 485 29.98 -20.53 11.00
CA VAL A 485 31.10 -21.52 10.87
C VAL A 485 31.35 -21.82 9.40
N GLY A 486 30.90 -20.99 8.46
CA GLY A 486 31.24 -21.23 7.06
C GLY A 486 30.69 -22.48 6.43
N LEU A 487 29.50 -22.94 6.86
CA LEU A 487 28.81 -24.11 6.32
C LEU A 487 28.40 -23.90 4.85
N ASP A 488 28.05 -25.00 4.20
CA ASP A 488 27.64 -24.99 2.80
C ASP A 488 26.28 -25.66 2.57
N GLY A 489 25.86 -25.70 1.29
CA GLY A 489 24.69 -26.43 0.84
C GLY A 489 23.85 -25.76 -0.23
N LYS A 490 23.27 -26.55 -1.16
CA LYS A 490 22.26 -26.05 -2.11
C LYS A 490 20.87 -26.08 -1.43
N ASN A 491 19.80 -25.95 -2.21
CA ASN A 491 18.44 -25.89 -1.60
C ASN A 491 18.09 -27.19 -0.88
N ASP A 492 16.96 -27.22 -0.17
CA ASP A 492 16.53 -28.43 0.57
C ASP A 492 16.63 -29.65 -0.35
N PRO A 493 17.05 -30.83 0.17
CA PRO A 493 17.23 -31.03 1.60
C PRO A 493 18.70 -30.83 1.99
N PHE A 494 19.46 -30.11 1.17
CA PHE A 494 20.89 -29.91 1.41
C PHE A 494 21.23 -28.61 2.14
N CYS A 495 20.31 -27.68 2.28
CA CYS A 495 20.60 -26.52 3.11
C CYS A 495 20.36 -26.82 4.57
N ARG A 496 20.05 -28.08 4.87
CA ARG A 496 19.79 -28.59 6.21
C ARG A 496 20.87 -29.61 6.62
N LYS A 497 22.21 -29.23 6.46
CA LYS A 497 23.34 -30.12 6.75
C LYS A 497 23.56 -30.15 8.27
N PRO A 498 24.04 -31.26 8.83
CA PRO A 498 24.30 -31.26 10.28
C PRO A 498 25.48 -30.34 10.63
N PHE A 499 25.39 -29.69 11.78
CA PHE A 499 26.46 -28.79 12.20
C PHE A 499 27.77 -29.54 12.48
N PRO A 500 28.97 -29.01 12.04
CA PRO A 500 30.25 -29.58 12.49
C PRO A 500 30.79 -28.92 13.77
N TRP A 501 30.93 -29.69 14.85
CA TRP A 501 31.44 -29.21 16.14
C TRP A 501 32.95 -29.55 16.34
N GLN A 502 33.54 -30.27 15.40
CA GLN A 502 34.95 -30.60 15.41
C GLN A 502 35.67 -29.45 14.71
N VAL A 503 36.43 -28.65 15.47
CA VAL A 503 37.13 -27.43 14.95
C VAL A 503 37.74 -27.68 13.58
N GLU A 504 38.12 -28.92 13.25
CA GLU A 504 38.78 -29.27 11.97
C GLU A 504 37.80 -29.07 10.80
N LYS A 505 36.56 -28.64 11.07
CA LYS A 505 35.52 -28.46 10.03
C LYS A 505 35.12 -26.99 9.90
N GLN A 506 35.18 -26.21 10.99
CA GLN A 506 34.78 -24.81 10.98
C GLN A 506 35.79 -23.90 10.23
N ASP A 507 35.31 -22.84 9.60
CA ASP A 507 36.19 -21.79 9.01
C ASP A 507 36.18 -20.70 10.07
N THR A 508 36.98 -20.85 11.13
CA THR A 508 36.93 -19.94 12.28
C THR A 508 37.25 -18.52 11.85
N ALA A 509 37.97 -18.36 10.72
CA ALA A 509 38.18 -17.03 10.13
C ALA A 509 36.86 -16.29 10.04
N LEU A 510 35.87 -16.91 9.39
CA LEU A 510 34.52 -16.37 9.44
C LEU A 510 34.06 -16.10 10.86
N PHE A 511 34.13 -17.12 11.74
CA PHE A 511 33.55 -17.00 13.07
C PHE A 511 34.01 -15.74 13.80
N ALA A 512 35.29 -15.38 13.65
CA ALA A 512 35.75 -14.11 14.22
C ALA A 512 34.87 -12.97 13.77
N LEU A 513 34.68 -12.88 12.46
CA LEU A 513 33.98 -11.76 11.84
C LEU A 513 32.67 -11.45 12.56
N TYR A 514 31.78 -12.44 12.65
CA TYR A 514 30.51 -12.28 13.36
C TYR A 514 30.70 -11.54 14.68
N GLN A 515 31.47 -12.16 15.60
CA GLN A 515 31.82 -11.65 16.93
C GLN A 515 32.10 -10.16 16.97
N ARG A 516 32.99 -9.70 16.08
CA ARG A 516 33.38 -8.29 16.03
C ARG A 516 32.19 -7.38 15.68
N MET A 517 31.56 -7.63 14.52
CA MET A 517 30.38 -6.86 14.04
C MET A 517 29.24 -7.11 15.03
N ILE A 518 29.19 -8.30 15.63
CA ILE A 518 28.27 -8.60 16.71
C ILE A 518 28.54 -7.68 17.91
N ALA A 519 29.78 -7.68 18.42
CA ALA A 519 30.10 -6.81 19.53
C ALA A 519 29.97 -5.34 19.13
N LEU A 520 30.68 -4.92 18.08
CA LEU A 520 30.65 -3.51 17.61
C LEU A 520 29.22 -3.03 17.45
N ARG A 521 28.32 -3.88 16.94
CA ARG A 521 26.87 -3.52 16.78
C ARG A 521 26.30 -3.25 18.17
N LYS A 522 26.68 -4.04 19.17
CA LYS A 522 26.19 -3.89 20.57
C LYS A 522 26.85 -2.66 21.20
N LYS A 523 28.09 -2.34 20.82
CA LYS A 523 28.79 -1.15 21.32
C LYS A 523 28.23 0.10 20.70
N SER A 524 27.60 -0.03 19.54
CA SER A 524 27.07 1.06 18.75
C SER A 524 25.58 1.29 19.07
N GLN A 525 25.25 2.44 19.67
CA GLN A 525 23.88 2.95 19.56
C GLN A 525 23.52 3.15 18.11
N ALA A 526 24.52 3.58 17.33
CA ALA A 526 24.28 3.91 15.94
C ALA A 526 23.72 2.73 15.19
N LEU A 527 24.50 1.67 15.00
CA LEU A 527 24.11 0.55 14.12
C LEU A 527 22.91 -0.25 14.65
N ARG A 528 22.28 0.17 15.74
CA ARG A 528 21.07 -0.52 16.27
C ARG A 528 19.85 0.37 16.13
N HIS A 529 19.83 1.56 16.73
CA HIS A 529 18.63 2.44 16.74
C HIS A 529 18.87 3.70 15.93
N GLY A 530 19.76 3.68 14.93
CA GLY A 530 20.14 4.89 14.18
C GLY A 530 19.61 4.92 12.77
N GLY A 531 19.52 6.10 12.15
CA GLY A 531 18.94 6.22 10.80
C GLY A 531 19.90 5.65 9.78
N CYS A 532 19.70 5.88 8.49
CA CYS A 532 20.62 5.43 7.46
C CYS A 532 20.38 6.26 6.21
N GLN A 533 21.44 6.89 5.73
CA GLN A 533 21.40 7.65 4.49
C GLN A 533 22.49 7.13 3.59
N VAL A 534 22.09 6.47 2.50
CA VAL A 534 23.02 6.05 1.47
C VAL A 534 23.81 7.29 1.03
N LEU A 535 25.15 7.15 0.94
CA LEU A 535 26.06 8.25 0.63
C LEU A 535 26.71 8.17 -0.75
N TYR A 536 26.88 6.95 -1.28
CA TYR A 536 27.47 6.74 -2.63
C TYR A 536 27.15 5.31 -3.09
N ALA A 537 26.53 5.15 -4.27
CA ALA A 537 26.20 3.83 -4.82
C ALA A 537 26.32 3.95 -6.33
N GLU A 538 27.35 3.38 -6.91
CA GLU A 538 27.44 3.42 -8.35
C GLU A 538 28.37 2.30 -8.79
N ASP A 539 27.98 1.59 -9.86
CA ASP A 539 28.87 0.54 -10.41
C ASP A 539 29.12 -0.57 -9.39
N ASN A 540 30.25 -0.54 -8.67
CA ASN A 540 30.56 -1.65 -7.79
C ASN A 540 30.88 -1.21 -6.36
N VAL A 541 30.60 0.04 -6.01
CA VAL A 541 30.85 0.60 -4.68
C VAL A 541 29.53 1.00 -4.02
N VAL A 542 29.45 0.80 -2.71
CA VAL A 542 28.28 1.17 -1.91
C VAL A 542 28.81 1.85 -0.64
N VAL A 543 28.07 2.86 -0.16
CA VAL A 543 28.51 3.63 1.01
C VAL A 543 27.30 4.18 1.74
N PHE A 544 27.23 3.98 3.06
CA PHE A 544 26.16 4.60 3.84
C PHE A 544 26.63 4.89 5.25
N VAL A 545 25.79 5.57 6.05
CA VAL A 545 26.13 5.95 7.42
C VAL A 545 24.91 5.87 8.34
N ARG A 546 25.02 5.07 9.39
CA ARG A 546 24.01 5.07 10.44
C ARG A 546 24.26 6.24 11.43
N VAL A 547 23.19 6.82 11.98
CA VAL A 547 23.33 8.11 12.63
C VAL A 547 22.27 8.23 13.75
N LEU A 548 22.68 8.84 14.86
CA LEU A 548 21.78 9.11 16.02
C LEU A 548 22.15 10.52 16.48
N ASN A 549 22.08 10.86 17.76
CA ASN A 549 22.33 12.24 18.22
C ASN A 549 23.71 12.79 17.83
N GLN A 550 24.78 12.00 17.97
CA GLN A 550 26.18 12.42 17.64
C GLN A 550 26.97 11.26 17.05
N GLN A 551 26.59 10.02 17.33
CA GLN A 551 27.28 8.82 16.86
C GLN A 551 27.11 8.67 15.36
N ARG A 552 28.18 8.36 14.65
CA ARG A 552 28.06 8.19 13.21
C ARG A 552 28.84 6.95 12.85
N VAL A 553 28.39 6.25 11.81
CA VAL A 553 29.04 4.97 11.40
C VAL A 553 28.99 4.82 9.88
N LEU A 554 30.12 5.00 9.20
CA LEU A 554 30.20 4.87 7.77
C LEU A 554 30.52 3.44 7.43
N VAL A 555 30.17 3.07 6.20
CA VAL A 555 30.50 1.77 5.64
C VAL A 555 30.82 1.97 4.18
N ALA A 556 31.49 0.97 3.62
CA ALA A 556 31.84 0.96 2.21
C ALA A 556 32.00 -0.49 1.77
N ILE A 557 31.23 -0.84 0.78
CA ILE A 557 31.27 -2.16 0.18
C ILE A 557 31.91 -1.98 -1.17
N ASN A 558 32.65 -2.98 -1.60
CA ASN A 558 33.04 -3.01 -3.00
C ASN A 558 32.94 -4.45 -3.44
N ARG A 559 32.16 -4.68 -4.49
CA ARG A 559 32.15 -5.96 -5.16
C ARG A 559 33.12 -6.03 -6.33
N GLY A 560 34.12 -5.14 -6.40
CA GLY A 560 35.05 -5.13 -7.53
C GLY A 560 36.50 -5.13 -7.11
N GLU A 561 37.40 -4.87 -8.06
CA GLU A 561 38.81 -4.60 -7.77
C GLU A 561 38.92 -3.36 -6.88
N ALA A 562 40.06 -3.19 -6.20
CA ALA A 562 40.20 -2.03 -5.32
C ALA A 562 40.06 -0.73 -6.12
N CYS A 563 39.78 0.36 -5.42
CA CYS A 563 39.60 1.62 -6.14
C CYS A 563 39.53 2.76 -5.13
N GLU A 564 39.37 3.98 -5.69
CA GLU A 564 39.08 5.20 -4.96
C GLU A 564 37.75 5.78 -5.45
N VAL A 565 37.12 6.55 -4.57
CA VAL A 565 35.82 7.17 -4.82
C VAL A 565 35.82 8.54 -4.17
N VAL A 566 35.14 9.48 -4.79
CA VAL A 566 34.98 10.81 -4.24
C VAL A 566 33.60 10.91 -3.60
N LEU A 567 33.58 10.69 -2.29
CA LEU A 567 32.38 10.92 -1.50
C LEU A 567 31.94 12.35 -1.67
N PRO A 568 30.86 12.61 -2.40
CA PRO A 568 30.35 13.98 -2.47
C PRO A 568 30.21 14.51 -1.05
N ALA A 569 30.61 15.76 -0.85
CA ALA A 569 30.65 16.29 0.51
C ALA A 569 29.32 16.10 1.18
N SER A 570 29.38 15.95 2.48
CA SER A 570 28.13 15.69 3.15
C SER A 570 28.34 16.05 4.60
N PRO A 571 27.31 16.56 5.28
CA PRO A 571 27.47 16.92 6.70
C PRO A 571 27.72 15.74 7.58
N PHE A 572 27.56 14.52 7.07
CA PHE A 572 27.79 13.33 7.86
C PHE A 572 29.27 12.94 7.93
N LEU A 573 30.01 13.35 6.90
CA LEU A 573 31.43 13.09 6.72
C LEU A 573 32.30 14.18 7.33
N ASN A 574 31.81 14.94 8.32
CA ASN A 574 32.63 15.94 8.99
C ASN A 574 32.80 15.58 10.47
N ALA A 575 32.78 14.28 10.77
CA ALA A 575 32.91 13.78 12.13
C ALA A 575 34.28 14.09 12.72
N VAL A 576 34.31 14.11 14.05
CA VAL A 576 35.47 14.53 14.83
C VAL A 576 36.53 13.45 14.88
N GLN A 577 36.17 12.19 14.60
CA GLN A 577 37.12 11.12 14.89
C GLN A 577 36.79 9.96 13.96
N TRP A 578 37.57 9.84 12.86
CA TRP A 578 37.42 8.76 11.84
C TRP A 578 38.20 7.54 12.31
N GLN A 579 37.80 6.96 13.43
CA GLN A 579 38.40 5.79 14.10
C GLN A 579 37.96 4.52 13.38
N CYS A 580 38.87 3.96 12.59
CA CYS A 580 38.59 2.73 11.85
C CYS A 580 38.25 1.61 12.82
N LYS A 581 37.23 0.82 12.47
CA LYS A 581 36.76 -0.32 13.31
C LYS A 581 36.92 -1.62 12.53
N GLU A 582 36.41 -1.69 11.30
CA GLU A 582 36.45 -2.92 10.46
C GLU A 582 37.04 -2.60 9.08
N GLY A 583 37.36 -3.61 8.28
CA GLY A 583 37.86 -3.42 6.91
C GLY A 583 39.34 -3.07 6.87
N HIS A 584 39.87 -2.73 5.69
CA HIS A 584 41.30 -2.37 5.50
C HIS A 584 41.41 -1.14 4.59
N GLY A 585 40.39 -0.27 4.58
CA GLY A 585 40.38 0.95 3.75
C GLY A 585 40.65 2.19 4.59
N GLN A 586 41.02 3.32 3.97
CA GLN A 586 41.37 4.55 4.73
C GLN A 586 40.69 5.77 4.11
N LEU A 587 39.94 6.53 4.90
CA LEU A 587 39.28 7.76 4.44
C LEU A 587 40.25 8.93 4.57
N THR A 588 40.70 9.52 3.45
CA THR A 588 41.62 10.64 3.42
C THR A 588 41.02 11.88 2.74
N ASP A 589 40.66 12.87 3.55
CA ASP A 589 40.07 14.15 3.12
C ASP A 589 39.02 13.96 2.02
N GLY A 590 38.00 13.16 2.34
CA GLY A 590 36.86 12.93 1.45
C GLY A 590 37.05 11.94 0.32
N ILE A 591 38.28 11.48 0.07
CA ILE A 591 38.55 10.42 -0.91
C ILE A 591 38.62 9.11 -0.15
N LEU A 592 37.99 8.07 -0.72
CA LEU A 592 37.88 6.79 -0.01
C LEU A 592 38.85 5.79 -0.61
N ALA A 593 39.64 5.16 0.28
CA ALA A 593 40.71 4.22 -0.05
C ALA A 593 40.30 2.80 0.33
N LEU A 594 39.86 2.02 -0.67
CA LEU A 594 39.30 0.66 -0.56
C LEU A 594 40.20 -0.41 -1.15
N PRO A 595 40.58 -1.43 -0.38
CA PRO A 595 41.09 -2.66 -0.99
C PRO A 595 40.02 -3.26 -1.90
N ALA A 596 40.42 -4.16 -2.80
CA ALA A 596 39.43 -4.87 -3.62
C ALA A 596 38.54 -5.72 -2.72
N ILE A 597 37.33 -5.98 -3.19
CA ILE A 597 36.29 -6.75 -2.51
C ILE A 597 36.23 -6.39 -1.02
N SER A 598 36.21 -5.10 -0.70
CA SER A 598 36.33 -4.69 0.70
C SER A 598 34.97 -4.52 1.33
N ALA A 599 34.98 -4.59 2.64
CA ALA A 599 33.83 -4.20 3.43
C ALA A 599 34.47 -3.54 4.64
N THR A 600 34.39 -2.22 4.68
CA THR A 600 35.07 -1.41 5.67
C THR A 600 34.06 -0.75 6.61
N VAL A 601 34.51 -0.35 7.80
CA VAL A 601 33.58 0.26 8.75
C VAL A 601 34.28 1.31 9.60
N TRP A 602 33.77 2.55 9.63
CA TRP A 602 34.34 3.57 10.51
C TRP A 602 33.42 3.80 11.73
N MET A 603 33.77 4.75 12.59
CA MET A 603 32.90 4.99 13.74
C MET A 603 33.49 6.09 14.63
N ASN A 604 32.63 6.74 15.43
CA ASN A 604 33.03 7.50 16.65
C ASN A 604 32.17 7.17 17.97
N MET B 1 15.61 -2.56 -31.56
CA MET B 1 16.00 -2.37 -30.14
C MET B 1 14.91 -3.00 -29.27
N LEU B 2 15.25 -4.00 -28.45
CA LEU B 2 14.23 -4.72 -27.65
C LEU B 2 13.26 -3.72 -27.04
N ASN B 3 11.97 -4.03 -27.06
CA ASN B 3 10.90 -3.17 -26.50
C ASN B 3 9.66 -4.06 -26.43
N ALA B 4 8.71 -3.76 -25.54
CA ALA B 4 7.52 -4.59 -25.37
C ALA B 4 6.29 -3.77 -24.96
N TRP B 5 5.12 -4.39 -25.21
CA TRP B 5 3.82 -3.73 -25.13
C TRP B 5 2.77 -4.67 -24.52
N HIS B 6 2.00 -4.17 -23.56
CA HIS B 6 0.91 -4.96 -22.94
C HIS B 6 -0.01 -4.06 -22.15
N LEU B 7 -1.32 -4.25 -22.26
CA LEU B 7 -2.32 -3.51 -21.51
C LEU B 7 -3.39 -4.48 -21.04
N PRO B 8 -3.94 -4.31 -19.82
CA PRO B 8 -4.83 -5.33 -19.20
C PRO B 8 -6.23 -5.64 -19.77
N VAL B 9 -6.55 -5.22 -20.98
CA VAL B 9 -7.85 -5.51 -21.61
C VAL B 9 -7.65 -6.43 -22.82
N PRO B 10 -8.73 -6.99 -23.37
CA PRO B 10 -8.57 -7.75 -24.60
C PRO B 10 -8.07 -6.83 -25.70
N PRO B 11 -7.32 -7.36 -26.70
CA PRO B 11 -6.80 -8.70 -27.05
C PRO B 11 -5.79 -9.39 -26.08
N PHE B 12 -5.09 -8.65 -25.23
CA PHE B 12 -4.09 -9.34 -24.42
C PHE B 12 -4.76 -10.12 -23.32
N VAL B 13 -5.53 -9.45 -22.48
CA VAL B 13 -6.09 -10.10 -21.32
C VAL B 13 -7.48 -10.57 -21.74
N LYS B 14 -7.59 -11.85 -22.02
CA LYS B 14 -8.81 -12.37 -22.63
C LYS B 14 -9.27 -13.57 -21.82
N GLN B 15 -10.51 -13.52 -21.34
CA GLN B 15 -11.05 -14.61 -20.53
C GLN B 15 -11.37 -15.81 -21.41
N SER B 16 -11.23 -17.02 -20.84
CA SER B 16 -11.50 -18.24 -21.59
C SER B 16 -11.93 -19.36 -20.65
N LYS B 17 -13.25 -19.57 -20.53
CA LYS B 17 -13.83 -20.65 -19.70
C LYS B 17 -13.38 -20.37 -18.27
N ASP B 18 -12.69 -21.31 -17.62
CA ASP B 18 -12.07 -21.21 -16.30
C ASP B 18 -10.58 -20.93 -16.43
N GLN B 19 -10.18 -20.07 -17.38
CA GLN B 19 -8.78 -19.67 -17.47
C GLN B 19 -8.62 -18.31 -18.14
N LEU B 20 -8.10 -17.29 -17.43
CA LEU B 20 -7.71 -16.04 -18.08
C LEU B 20 -6.38 -16.26 -18.81
N LEU B 21 -6.29 -15.81 -20.08
CA LEU B 21 -5.13 -16.09 -20.92
C LEU B 21 -4.39 -14.80 -21.29
N ILE B 22 -3.14 -14.65 -20.79
CA ILE B 22 -2.38 -13.40 -20.87
C ILE B 22 -1.35 -13.47 -22.01
N THR B 23 -1.23 -12.36 -22.79
CA THR B 23 -0.28 -12.27 -23.91
C THR B 23 0.55 -10.98 -23.84
N LEU B 24 1.74 -11.04 -24.41
CA LEU B 24 2.70 -9.93 -24.41
C LEU B 24 3.26 -9.74 -25.81
N TRP B 25 3.45 -8.48 -26.23
CA TRP B 25 4.01 -8.15 -27.56
C TRP B 25 5.50 -7.82 -27.40
N LEU B 26 6.32 -8.07 -28.42
CA LEU B 26 7.78 -7.75 -28.39
C LEU B 26 8.35 -7.33 -29.75
N THR B 27 9.09 -6.23 -29.78
CA THR B 27 9.84 -5.66 -30.89
C THR B 27 11.25 -5.39 -30.44
N GLY B 28 12.21 -5.85 -31.24
CA GLY B 28 13.57 -5.41 -31.09
C GLY B 28 14.62 -6.47 -31.32
N GLU B 29 15.86 -6.00 -31.36
CA GLU B 29 17.00 -6.88 -31.49
C GLU B 29 17.18 -7.63 -30.17
N ASP B 30 17.96 -8.73 -30.22
CA ASP B 30 18.25 -9.62 -29.10
C ASP B 30 16.98 -10.06 -28.36
N PRO B 31 16.10 -10.86 -28.99
CA PRO B 31 14.91 -11.35 -28.24
C PRO B 31 15.31 -12.27 -27.09
N PRO B 32 14.62 -12.18 -25.96
CA PRO B 32 14.90 -13.10 -24.84
C PRO B 32 14.47 -14.53 -25.09
N GLN B 33 15.27 -15.46 -24.54
CA GLN B 33 15.11 -16.89 -24.77
C GLN B 33 13.96 -17.53 -23.98
N ARG B 34 13.59 -16.98 -22.85
CA ARG B 34 12.55 -17.59 -22.05
C ARG B 34 11.76 -16.43 -21.48
N ILE B 35 10.47 -16.63 -21.20
CA ILE B 35 9.71 -15.63 -20.44
C ILE B 35 8.77 -16.33 -19.47
N MET B 36 8.75 -15.81 -18.23
CA MET B 36 7.88 -16.31 -17.19
C MET B 36 6.96 -15.20 -16.71
N LEU B 37 5.74 -15.62 -16.37
CA LEU B 37 4.60 -14.75 -16.02
C LEU B 37 4.28 -14.92 -14.54
N ARG B 38 4.64 -13.92 -13.73
CA ARG B 38 4.48 -14.01 -12.25
C ARG B 38 3.09 -13.57 -11.81
N THR B 39 2.21 -14.53 -11.46
CA THR B 39 0.88 -14.28 -10.93
C THR B 39 0.85 -14.53 -9.43
N GLU B 40 -0.29 -14.15 -8.78
CA GLU B 40 -0.52 -14.31 -7.33
C GLU B 40 -1.72 -15.20 -7.07
N HIS B 41 -1.49 -16.44 -6.69
CA HIS B 41 -2.58 -17.29 -6.23
C HIS B 41 -2.68 -17.18 -4.73
N ASP B 42 -3.55 -16.28 -4.25
CA ASP B 42 -3.72 -16.07 -2.78
C ASP B 42 -2.43 -15.48 -2.20
N ASN B 43 -2.00 -14.32 -2.72
CA ASN B 43 -0.79 -13.64 -2.20
C ASN B 43 0.43 -14.57 -2.34
N GLU B 44 0.43 -15.43 -3.36
CA GLU B 44 1.57 -16.35 -3.59
C GLU B 44 2.14 -16.09 -4.98
N GLU B 45 3.38 -15.56 -5.06
CA GLU B 45 3.95 -15.23 -6.36
C GLU B 45 4.60 -16.46 -6.95
N MET B 46 4.06 -16.92 -8.07
CA MET B 46 4.57 -18.13 -8.69
C MET B 46 5.09 -17.86 -10.09
N SER B 47 5.19 -18.90 -10.89
CA SER B 47 5.65 -18.61 -12.22
C SER B 47 4.90 -19.44 -13.23
N VAL B 48 4.53 -18.79 -14.34
CA VAL B 48 3.72 -19.43 -15.43
C VAL B 48 4.50 -19.36 -16.75
N PRO B 49 5.12 -20.46 -17.22
CA PRO B 49 5.92 -20.45 -18.47
C PRO B 49 5.15 -19.84 -19.62
N MET B 50 5.69 -18.76 -20.19
CA MET B 50 5.10 -18.23 -21.42
C MET B 50 5.67 -18.98 -22.62
N HIS B 51 4.82 -19.26 -23.62
CA HIS B 51 5.21 -19.81 -24.91
C HIS B 51 5.05 -18.74 -25.98
N LYS B 52 5.99 -18.65 -26.91
CA LYS B 52 5.79 -17.73 -28.01
C LYS B 52 4.59 -18.21 -28.86
N GLN B 53 4.04 -17.36 -29.72
CA GLN B 53 2.86 -17.70 -30.56
C GLN B 53 3.31 -17.96 -32.00
N ARG B 54 2.72 -18.95 -32.67
CA ARG B 54 3.06 -19.31 -34.07
C ARG B 54 2.57 -18.21 -35.02
N SER B 55 1.34 -17.71 -34.83
CA SER B 55 0.75 -16.64 -35.68
C SER B 55 1.13 -15.28 -35.11
N GLN B 56 2.06 -14.56 -35.75
CA GLN B 56 2.56 -13.26 -35.24
C GLN B 56 1.51 -12.17 -35.47
N PRO B 57 0.92 -11.60 -34.40
CA PRO B 57 -0.15 -10.60 -34.52
C PRO B 57 0.01 -9.63 -35.70
N GLN B 58 1.21 -9.06 -35.88
CA GLN B 58 1.45 -8.05 -36.93
C GLN B 58 2.86 -8.18 -37.50
N PRO B 59 3.24 -7.41 -38.54
CA PRO B 59 4.62 -7.42 -39.04
C PRO B 59 5.49 -6.72 -38.00
N GLY B 60 6.64 -7.31 -37.65
CA GLY B 60 7.50 -6.76 -36.59
C GLY B 60 6.90 -7.05 -35.23
N VAL B 61 6.18 -8.16 -35.09
CA VAL B 61 5.53 -8.57 -33.84
C VAL B 61 5.76 -10.04 -33.53
N THR B 62 6.44 -10.29 -32.40
CA THR B 62 6.50 -11.59 -31.73
C THR B 62 5.58 -11.55 -30.51
N ALA B 63 4.81 -12.65 -30.26
CA ALA B 63 3.85 -12.69 -29.15
C ALA B 63 4.01 -13.95 -28.29
N TRP B 64 3.98 -13.78 -26.95
CA TRP B 64 4.14 -14.88 -25.97
C TRP B 64 2.90 -14.97 -25.07
N ARG B 65 2.42 -16.17 -24.74
CA ARG B 65 1.14 -16.28 -24.01
C ARG B 65 1.15 -17.36 -22.93
N ALA B 66 0.36 -17.16 -21.87
CA ALA B 66 0.23 -18.14 -20.79
C ALA B 66 -1.09 -17.95 -20.01
N ALA B 67 -1.34 -18.89 -19.08
CA ALA B 67 -2.65 -19.12 -18.46
C ALA B 67 -2.72 -18.80 -16.97
N ILE B 68 -3.90 -18.40 -16.47
CA ILE B 68 -4.11 -18.04 -15.06
C ILE B 68 -5.38 -18.74 -14.60
N ASP B 69 -5.24 -19.75 -13.74
CA ASP B 69 -6.40 -20.51 -13.27
C ASP B 69 -7.35 -19.66 -12.43
N LEU B 70 -8.63 -19.67 -12.83
CA LEU B 70 -9.74 -18.94 -12.23
C LEU B 70 -10.60 -19.80 -11.31
N SER B 71 -10.46 -21.14 -11.35
CA SER B 71 -11.26 -22.00 -10.48
C SER B 71 -10.90 -21.80 -9.02
N SER B 72 -9.85 -21.06 -8.76
CA SER B 72 -9.30 -20.81 -7.44
C SER B 72 -8.54 -19.48 -7.53
N GLY B 73 -7.97 -19.06 -6.42
CA GLY B 73 -7.28 -17.79 -6.35
C GLY B 73 -8.29 -16.73 -6.01
N GLN B 74 -7.80 -15.50 -5.77
CA GLN B 74 -8.66 -14.37 -5.34
C GLN B 74 -9.04 -13.50 -6.55
N PRO B 75 -10.18 -12.79 -6.51
CA PRO B 75 -10.66 -12.01 -7.66
C PRO B 75 -9.83 -11.11 -8.54
N ARG B 76 -9.13 -10.17 -7.87
CA ARG B 76 -8.19 -9.23 -8.52
C ARG B 76 -6.85 -9.94 -8.63
N ARG B 77 -6.48 -10.40 -9.80
CA ARG B 77 -5.23 -11.13 -10.04
C ARG B 77 -4.14 -10.15 -10.48
N ARG B 78 -3.08 -10.05 -9.71
CA ARG B 78 -1.93 -9.22 -10.05
C ARG B 78 -1.00 -10.08 -10.89
N TYR B 79 -0.33 -9.48 -11.89
CA TYR B 79 0.63 -10.24 -12.69
C TYR B 79 1.70 -9.32 -13.24
N SER B 80 2.84 -9.90 -13.66
CA SER B 80 3.91 -9.10 -14.27
C SER B 80 4.84 -10.02 -15.06
N PHE B 81 5.74 -9.38 -15.83
CA PHE B 81 6.58 -10.08 -16.79
C PHE B 81 8.03 -10.16 -16.33
N LYS B 82 8.59 -11.38 -16.34
CA LYS B 82 10.02 -11.58 -16.01
C LYS B 82 10.70 -12.15 -17.23
N LEU B 83 11.34 -11.32 -18.04
CA LEU B 83 12.12 -11.77 -19.19
C LEU B 83 13.49 -12.27 -18.79
N LEU B 84 13.81 -13.45 -19.29
CA LEU B 84 15.06 -14.12 -18.99
C LEU B 84 15.87 -14.29 -20.25
N TRP B 85 17.15 -14.00 -20.12
CA TRP B 85 18.20 -14.40 -21.02
C TRP B 85 19.10 -15.39 -20.24
N HIS B 86 20.25 -15.71 -20.81
CA HIS B 86 21.18 -16.57 -20.10
C HIS B 86 21.93 -15.82 -19.00
N ASP B 87 22.02 -14.49 -19.05
CA ASP B 87 22.81 -13.85 -17.99
C ASP B 87 22.18 -12.62 -17.35
N ARG B 88 21.45 -11.79 -18.09
CA ARG B 88 20.73 -10.64 -17.54
C ARG B 88 19.25 -11.00 -17.35
N GLN B 89 18.54 -10.13 -16.67
CA GLN B 89 17.11 -10.34 -16.48
C GLN B 89 16.43 -8.98 -16.57
N ARG B 90 15.31 -8.95 -17.31
CA ARG B 90 14.47 -7.75 -17.40
C ARG B 90 13.04 -8.06 -16.97
N TRP B 91 12.49 -7.14 -16.17
CA TRP B 91 11.10 -7.14 -15.71
C TRP B 91 10.28 -6.09 -16.50
N PHE B 92 9.07 -6.47 -16.96
CA PHE B 92 8.10 -5.57 -17.61
C PHE B 92 6.82 -5.45 -16.81
N THR B 93 6.46 -4.19 -16.47
CA THR B 93 5.36 -3.77 -15.60
C THR B 93 4.62 -2.63 -16.30
N PRO B 94 3.49 -2.11 -15.71
CA PRO B 94 2.82 -0.94 -16.30
C PRO B 94 3.77 0.17 -16.66
N GLN B 95 4.50 0.63 -15.66
CA GLN B 95 5.44 1.73 -15.82
C GLN B 95 6.63 1.34 -16.68
N GLY B 96 6.63 0.12 -17.25
CA GLY B 96 7.50 -0.20 -18.35
C GLY B 96 8.60 -1.19 -18.05
N PHE B 97 9.72 -1.11 -18.78
CA PHE B 97 10.80 -2.01 -18.46
C PHE B 97 11.37 -1.52 -17.14
N SER B 98 11.89 -2.43 -16.31
CA SER B 98 12.67 -1.97 -15.18
C SER B 98 13.61 -3.08 -14.73
N ARG B 99 14.64 -2.67 -13.98
CA ARG B 99 15.55 -3.67 -13.46
C ARG B 99 15.09 -4.21 -12.12
N MET B 100 14.45 -3.39 -11.26
CA MET B 100 14.05 -3.91 -9.95
C MET B 100 12.86 -4.87 -10.16
N PRO B 101 12.79 -5.97 -9.42
CA PRO B 101 11.53 -6.70 -9.35
C PRO B 101 10.41 -5.79 -8.90
N PRO B 102 9.23 -5.95 -9.48
CA PRO B 102 8.18 -4.94 -9.35
C PRO B 102 7.52 -4.95 -7.99
N ALA B 103 7.01 -3.79 -7.57
CA ALA B 103 6.29 -3.77 -6.31
C ALA B 103 5.04 -4.63 -6.49
N ARG B 104 4.54 -5.25 -5.42
CA ARG B 104 3.29 -5.99 -5.55
C ARG B 104 2.15 -5.13 -6.09
N LEU B 105 1.92 -3.99 -5.45
CA LEU B 105 0.85 -3.07 -5.81
C LEU B 105 1.32 -2.00 -6.83
N GLU B 106 2.09 -2.45 -7.83
CA GLU B 106 2.34 -1.69 -9.03
C GLU B 106 2.34 -2.66 -10.21
N GLN B 107 1.99 -3.92 -9.97
CA GLN B 107 1.93 -4.90 -11.01
C GLN B 107 0.64 -4.74 -11.76
N PHE B 108 0.63 -5.25 -12.98
CA PHE B 108 -0.60 -5.34 -13.77
C PHE B 108 -1.66 -6.13 -12.97
N ALA B 109 -2.92 -5.71 -13.11
CA ALA B 109 -3.95 -6.22 -12.23
C ALA B 109 -5.32 -6.19 -12.90
N VAL B 110 -6.05 -7.28 -12.72
CA VAL B 110 -7.33 -7.52 -13.39
C VAL B 110 -8.28 -8.16 -12.39
N ASP B 111 -9.54 -7.65 -12.29
CA ASP B 111 -10.57 -8.24 -11.42
C ASP B 111 -11.45 -9.23 -12.18
N VAL B 112 -11.18 -10.51 -11.98
CA VAL B 112 -11.90 -11.60 -12.63
C VAL B 112 -12.15 -12.68 -11.57
N PRO B 113 -13.43 -12.93 -11.18
CA PRO B 113 -14.54 -12.05 -11.57
C PRO B 113 -14.57 -10.60 -10.99
N ASP B 114 -15.33 -9.71 -11.64
CA ASP B 114 -15.59 -8.35 -11.13
C ASP B 114 -16.68 -8.32 -10.06
N ILE B 115 -16.55 -7.39 -9.11
CA ILE B 115 -17.44 -7.28 -7.97
C ILE B 115 -18.21 -5.96 -8.01
N GLY B 116 -17.49 -4.87 -8.29
CA GLY B 116 -18.00 -3.55 -8.15
C GLY B 116 -18.96 -3.18 -9.26
N PRO B 117 -19.48 -1.94 -9.18
CA PRO B 117 -20.32 -1.40 -10.26
C PRO B 117 -19.64 -1.43 -11.62
N GLN B 118 -20.14 -2.29 -12.52
CA GLN B 118 -19.59 -2.38 -13.89
C GLN B 118 -20.11 -1.20 -14.72
N TRP B 119 -21.41 -0.91 -14.57
CA TRP B 119 -22.08 0.21 -15.30
C TRP B 119 -21.42 1.53 -14.97
N ALA B 120 -20.48 1.48 -14.05
CA ALA B 120 -19.85 2.74 -13.57
C ALA B 120 -19.08 3.44 -14.70
N ALA B 121 -18.22 2.72 -15.43
CA ALA B 121 -17.38 3.40 -16.42
C ALA B 121 -18.25 3.99 -17.53
N ASP B 122 -19.39 3.34 -17.73
CA ASP B 122 -20.34 3.78 -18.73
C ASP B 122 -20.96 5.11 -18.38
N GLN B 123 -21.04 5.47 -17.11
CA GLN B 123 -21.68 6.75 -16.87
C GLN B 123 -20.79 7.93 -17.30
N ILE B 124 -21.49 9.05 -17.49
CA ILE B 124 -20.99 10.40 -17.44
C ILE B 124 -21.75 11.04 -16.28
N PHE B 125 -21.08 11.86 -15.47
CA PHE B 125 -21.69 12.38 -14.25
C PHE B 125 -21.92 13.89 -14.26
N TYR B 126 -23.01 14.30 -13.62
CA TYR B 126 -23.31 15.70 -13.36
C TYR B 126 -23.36 15.85 -11.83
N GLN B 127 -22.49 16.70 -11.29
CA GLN B 127 -22.46 16.98 -9.85
C GLN B 127 -23.23 18.26 -9.55
N ILE B 128 -24.27 18.15 -8.74
CA ILE B 128 -25.20 19.25 -8.52
C ILE B 128 -25.06 19.75 -7.09
N PHE B 129 -24.99 21.10 -6.93
CA PHE B 129 -25.08 21.81 -5.63
C PHE B 129 -26.48 22.47 -5.43
N PRO B 130 -27.51 21.70 -5.05
CA PRO B 130 -28.90 22.16 -5.04
C PRO B 130 -29.25 23.66 -4.95
N ASP B 131 -29.00 24.36 -3.84
CA ASP B 131 -29.47 25.75 -3.65
C ASP B 131 -28.90 26.68 -4.72
N ARG B 132 -27.95 26.22 -5.52
CA ARG B 132 -27.28 27.10 -6.51
C ARG B 132 -27.34 26.46 -7.90
N PHE B 133 -28.33 25.60 -8.17
CA PHE B 133 -28.48 24.99 -9.52
C PHE B 133 -29.75 25.47 -10.23
N ALA B 134 -30.94 25.03 -9.81
CA ALA B 134 -32.20 25.35 -10.51
C ALA B 134 -33.33 25.62 -9.51
N ARG B 135 -33.88 26.83 -9.48
CA ARG B 135 -35.02 27.17 -8.59
C ARG B 135 -36.31 26.81 -9.33
N SER B 136 -37.12 25.91 -8.78
CA SER B 136 -38.41 25.50 -9.38
C SER B 136 -39.37 26.69 -9.38
N LEU B 137 -39.97 27.02 -10.53
CA LEU B 137 -40.91 28.18 -10.63
C LEU B 137 -41.97 28.07 -9.54
N PRO B 138 -42.66 26.92 -9.37
CA PRO B 138 -43.73 26.82 -8.39
C PRO B 138 -43.15 26.60 -6.98
N ARG B 139 -42.67 27.66 -6.33
CA ARG B 139 -42.02 27.56 -5.00
C ARG B 139 -43.01 26.97 -4.00
N GLU B 140 -42.50 26.28 -2.97
CA GLU B 140 -43.35 25.66 -1.92
C GLU B 140 -43.70 26.71 -0.87
N ALA B 141 -44.41 26.33 0.20
CA ALA B 141 -44.84 27.28 1.25
C ALA B 141 -43.63 27.75 2.05
N GLU B 142 -42.86 26.84 2.63
CA GLU B 142 -41.72 27.20 3.52
C GLU B 142 -40.42 27.19 2.73
N GLN B 143 -40.46 26.86 1.43
CA GLN B 143 -39.24 26.77 0.59
C GLN B 143 -38.54 28.13 0.58
N ASP B 144 -39.20 29.20 1.01
CA ASP B 144 -38.64 30.57 0.95
C ASP B 144 -38.59 31.23 2.33
N HIS B 145 -38.64 30.46 3.42
CA HIS B 145 -38.55 30.99 4.81
C HIS B 145 -37.10 31.28 5.17
N VAL B 146 -36.85 32.21 6.10
CA VAL B 146 -35.47 32.54 6.58
C VAL B 146 -35.43 32.27 8.08
N TYR B 147 -34.32 31.72 8.59
CA TYR B 147 -34.19 31.36 10.03
C TYR B 147 -32.87 31.88 10.60
N TYR B 148 -32.55 31.55 11.84
CA TYR B 148 -31.34 31.98 12.54
C TYR B 148 -30.28 30.90 12.35
N HIS B 149 -29.18 31.25 11.67
CA HIS B 149 -28.05 30.31 11.54
C HIS B 149 -27.13 30.48 12.76
N HIS B 150 -27.53 29.84 13.88
CA HIS B 150 -26.76 29.94 15.12
C HIS B 150 -25.28 29.69 14.83
N ALA B 151 -24.97 28.63 14.08
CA ALA B 151 -23.60 28.31 13.68
C ALA B 151 -22.86 29.57 13.18
N ALA B 152 -23.57 30.47 12.49
CA ALA B 152 -22.94 31.71 12.01
C ALA B 152 -23.15 32.95 12.88
N GLY B 153 -24.16 32.99 13.74
CA GLY B 153 -24.45 34.22 14.50
C GLY B 153 -24.92 35.35 13.60
N GLN B 154 -26.01 35.07 12.88
CA GLN B 154 -26.67 35.94 11.92
C GLN B 154 -27.86 35.15 11.40
N GLU B 155 -28.80 35.85 10.79
CA GLU B 155 -29.86 35.17 10.05
C GLU B 155 -29.39 34.82 8.65
N ILE B 156 -29.96 33.73 8.11
CA ILE B 156 -29.61 33.32 6.76
C ILE B 156 -30.18 34.33 5.76
N ILE B 157 -29.40 34.59 4.69
CA ILE B 157 -29.63 35.66 3.70
C ILE B 157 -30.21 35.05 2.42
N LEU B 158 -31.46 35.44 2.09
CA LEU B 158 -32.15 35.10 0.85
C LEU B 158 -31.72 36.01 -0.31
N ARG B 159 -31.45 35.40 -1.47
CA ARG B 159 -30.95 36.09 -2.67
C ARG B 159 -31.47 35.38 -3.93
N ASP B 160 -31.47 36.15 -5.06
CA ASP B 160 -31.87 35.75 -6.42
C ASP B 160 -30.66 35.57 -7.33
N TRP B 161 -30.75 34.62 -8.26
CA TRP B 161 -29.61 34.18 -9.14
C TRP B 161 -28.62 35.25 -9.62
N ASP B 162 -29.03 36.44 -10.10
CA ASP B 162 -28.06 37.33 -10.74
C ASP B 162 -27.32 38.23 -9.76
N GLU B 163 -27.49 38.02 -8.46
CA GLU B 163 -26.76 38.83 -7.49
C GLU B 163 -25.32 38.32 -7.43
N PRO B 164 -24.34 39.20 -7.17
CA PRO B 164 -22.96 38.70 -7.10
C PRO B 164 -22.83 37.87 -5.83
N VAL B 165 -22.08 36.78 -5.89
CA VAL B 165 -21.82 35.95 -4.70
C VAL B 165 -20.79 36.64 -3.81
N THR B 166 -21.16 36.84 -2.55
CA THR B 166 -20.31 37.56 -1.61
C THR B 166 -19.44 36.61 -0.80
N ALA B 167 -18.29 37.12 -0.37
CA ALA B 167 -17.43 36.31 0.49
C ALA B 167 -18.08 36.09 1.86
N GLN B 168 -18.42 37.19 2.56
CA GLN B 168 -19.07 37.15 3.86
C GLN B 168 -20.45 36.47 3.77
N ALA B 169 -20.89 35.88 4.88
CA ALA B 169 -22.13 35.11 4.92
C ALA B 169 -22.01 33.90 4.01
N GLY B 170 -20.83 33.27 4.04
CA GLY B 170 -20.55 32.15 3.17
C GLY B 170 -21.52 30.98 3.29
N GLY B 171 -21.79 30.56 4.52
CA GLY B 171 -22.69 29.45 4.76
C GLY B 171 -24.13 29.84 4.91
N SER B 172 -24.43 31.12 4.69
CA SER B 172 -25.78 31.67 4.94
C SER B 172 -26.45 32.27 3.70
N THR B 173 -25.81 32.46 2.53
CA THR B 173 -26.47 33.09 1.40
C THR B 173 -27.15 32.03 0.51
N PHE B 174 -28.47 32.17 0.32
CA PHE B 174 -29.32 31.15 -0.29
C PHE B 174 -30.01 31.70 -1.55
N TYR B 175 -29.81 31.02 -2.68
CA TYR B 175 -30.35 31.53 -3.94
C TYR B 175 -31.63 30.79 -4.37
N GLY B 176 -31.81 29.55 -3.96
CA GLY B 176 -33.09 28.90 -4.03
C GLY B 176 -33.26 27.64 -4.92
N GLY B 177 -32.19 26.92 -5.25
CA GLY B 177 -32.38 25.68 -6.00
C GLY B 177 -33.12 24.63 -5.20
N ASP B 178 -33.70 23.64 -5.88
CA ASP B 178 -34.27 22.53 -5.14
C ASP B 178 -34.17 21.29 -5.99
N LEU B 179 -34.67 20.17 -5.43
CA LEU B 179 -34.69 18.87 -6.12
C LEU B 179 -35.66 18.92 -7.30
N ASP B 180 -36.71 19.75 -7.25
CA ASP B 180 -37.57 19.81 -8.43
C ASP B 180 -36.92 20.59 -9.57
N GLY B 181 -36.34 21.76 -9.25
CA GLY B 181 -35.52 22.49 -10.22
C GLY B 181 -34.50 21.61 -10.92
N ILE B 182 -33.94 20.62 -10.22
CA ILE B 182 -33.08 19.64 -10.88
C ILE B 182 -33.89 18.81 -11.86
N SER B 183 -35.05 18.32 -11.40
CA SER B 183 -35.91 17.42 -12.21
C SER B 183 -36.35 18.11 -13.50
N GLU B 184 -36.74 19.38 -13.43
CA GLU B 184 -37.20 20.14 -14.59
C GLU B 184 -36.05 20.52 -15.53
N LYS B 185 -34.79 20.55 -15.08
CA LYS B 185 -33.74 20.86 -16.03
C LYS B 185 -33.09 19.62 -16.55
N LEU B 186 -33.68 18.45 -16.28
CA LEU B 186 -33.21 17.19 -16.87
C LEU B 186 -33.14 17.16 -18.40
N PRO B 187 -34.05 17.85 -19.17
CA PRO B 187 -33.75 18.30 -20.54
C PRO B 187 -32.39 18.90 -20.78
N TYR B 188 -31.98 19.88 -19.97
CA TYR B 188 -30.67 20.56 -20.13
C TYR B 188 -29.55 19.52 -20.12
N LEU B 189 -29.60 18.55 -19.21
CA LEU B 189 -28.55 17.53 -19.11
C LEU B 189 -28.66 16.49 -20.21
N LYS B 190 -29.83 15.86 -20.37
CA LYS B 190 -29.95 14.84 -21.40
C LYS B 190 -29.44 15.37 -22.73
N LYS B 191 -29.52 16.70 -22.94
CA LYS B 191 -28.90 17.31 -24.10
C LYS B 191 -27.39 17.28 -23.98
N LEU B 192 -26.86 17.70 -22.83
CA LEU B 192 -25.42 17.66 -22.58
C LEU B 192 -24.82 16.25 -22.77
N GLY B 193 -25.60 15.22 -22.46
CA GLY B 193 -25.21 13.83 -22.66
C GLY B 193 -25.05 13.05 -21.38
N VAL B 194 -25.27 13.69 -20.22
CA VAL B 194 -25.14 13.05 -18.93
C VAL B 194 -26.09 11.85 -18.74
N THR B 195 -25.64 10.86 -17.93
CA THR B 195 -26.36 9.61 -17.65
C THR B 195 -26.55 9.29 -16.16
N ALA B 196 -26.06 10.14 -15.27
CA ALA B 196 -26.19 9.91 -13.85
C ALA B 196 -25.79 11.17 -13.09
N LEU B 197 -26.44 11.35 -11.95
CA LEU B 197 -26.24 12.52 -11.16
C LEU B 197 -25.51 12.20 -9.86
N TYR B 198 -24.56 13.07 -9.51
CA TYR B 198 -23.95 13.10 -8.20
C TYR B 198 -24.62 14.24 -7.45
N LEU B 199 -25.33 13.93 -6.38
CA LEU B 199 -26.10 14.97 -5.71
C LEU B 199 -25.50 15.30 -4.35
N ASN B 200 -24.86 16.48 -4.29
CA ASN B 200 -24.17 16.97 -3.07
C ASN B 200 -25.13 17.10 -1.88
N PRO B 201 -24.65 17.39 -0.66
CA PRO B 201 -25.42 17.19 0.57
C PRO B 201 -26.83 17.73 0.44
N VAL B 202 -27.77 16.82 0.70
CA VAL B 202 -29.20 17.06 0.46
C VAL B 202 -30.09 16.78 1.65
N PHE B 203 -29.55 16.39 2.82
CA PHE B 203 -30.32 16.08 4.03
C PHE B 203 -30.43 17.35 4.88
N LYS B 204 -31.45 17.38 5.77
CA LYS B 204 -31.82 18.59 6.53
C LYS B 204 -30.62 19.31 7.16
N ALA B 205 -30.44 20.60 6.86
CA ALA B 205 -29.30 21.40 7.38
C ALA B 205 -29.64 22.89 7.44
N PRO B 206 -29.28 23.62 8.52
CA PRO B 206 -29.51 25.07 8.60
C PRO B 206 -28.52 25.90 7.78
N SER B 207 -27.37 25.32 7.38
CA SER B 207 -26.36 26.01 6.53
C SER B 207 -26.85 26.00 5.08
N VAL B 208 -25.95 26.11 4.09
CA VAL B 208 -26.30 26.03 2.64
C VAL B 208 -25.58 24.80 2.08
N HIS B 209 -24.37 24.52 2.54
CA HIS B 209 -23.58 23.35 2.15
C HIS B 209 -24.05 22.02 2.74
N LYS B 210 -24.92 22.01 3.74
CA LYS B 210 -25.56 20.77 4.23
C LYS B 210 -24.57 19.69 4.68
N TYR B 211 -23.38 20.04 5.21
CA TYR B 211 -22.52 19.01 5.85
C TYR B 211 -22.86 18.79 7.34
N ASP B 212 -23.38 19.82 7.96
CA ASP B 212 -24.04 19.68 9.24
C ASP B 212 -25.40 19.02 9.09
N THR B 213 -25.39 17.71 8.78
CA THR B 213 -26.68 17.01 8.68
C THR B 213 -27.45 17.22 9.97
N GLU B 214 -28.74 17.60 9.87
CA GLU B 214 -29.54 17.81 11.06
C GLU B 214 -30.74 16.88 11.12
N ASP B 215 -31.05 16.15 10.05
CA ASP B 215 -31.87 14.97 10.21
C ASP B 215 -31.50 14.03 9.06
N TYR B 216 -30.74 13.00 9.40
CA TYR B 216 -30.30 12.03 8.43
C TYR B 216 -31.45 11.27 7.85
N ARG B 217 -32.65 11.42 8.42
CA ARG B 217 -33.81 10.59 7.98
C ARG B 217 -34.80 11.40 7.14
N HIS B 218 -34.51 12.66 6.79
CA HIS B 218 -35.40 13.42 5.94
C HIS B 218 -34.63 14.40 5.05
N VAL B 219 -35.27 14.77 3.94
CA VAL B 219 -34.71 15.69 2.95
C VAL B 219 -35.11 17.09 3.39
N ASP B 220 -34.15 18.03 3.41
CA ASP B 220 -34.38 19.43 3.85
C ASP B 220 -35.56 20.12 3.16
N PRO B 221 -36.35 20.95 3.87
CA PRO B 221 -37.49 21.66 3.27
C PRO B 221 -37.12 22.74 2.26
N GLN B 222 -35.89 23.28 2.33
CA GLN B 222 -35.45 24.38 1.44
C GLN B 222 -34.65 23.81 0.26
N PHE B 223 -34.35 22.50 0.27
CA PHE B 223 -33.56 21.84 -0.80
C PHE B 223 -34.43 20.81 -1.54
N GLY B 224 -35.75 20.84 -1.34
CA GLY B 224 -36.68 19.89 -1.99
C GLY B 224 -37.57 19.19 -0.97
N GLY B 225 -37.26 17.93 -0.63
CA GLY B 225 -38.03 17.18 0.38
C GLY B 225 -38.10 15.69 0.05
N ASP B 226 -38.61 14.87 0.97
CA ASP B 226 -38.73 13.40 0.77
C ASP B 226 -39.46 13.15 -0.55
N GLY B 227 -40.61 13.80 -0.75
CA GLY B 227 -41.41 13.63 -1.99
C GLY B 227 -40.64 14.12 -3.20
N ALA B 228 -39.94 15.26 -3.07
CA ALA B 228 -39.14 15.86 -4.16
C ALA B 228 -37.92 14.99 -4.48
N LEU B 229 -37.34 14.31 -3.48
CA LEU B 229 -36.17 13.43 -3.69
C LEU B 229 -36.68 12.11 -4.29
N LEU B 230 -37.98 11.83 -4.17
CA LEU B 230 -38.60 10.62 -4.76
C LEU B 230 -39.18 10.99 -6.13
N ARG B 231 -39.22 12.28 -6.48
CA ARG B 231 -39.66 12.74 -7.84
C ARG B 231 -38.39 12.71 -8.69
N LEU B 232 -37.39 13.54 -8.37
CA LEU B 232 -36.08 13.47 -9.01
C LEU B 232 -35.60 12.02 -9.19
N ARG B 233 -35.92 11.10 -8.27
CA ARG B 233 -35.61 9.69 -8.50
C ARG B 233 -36.48 9.09 -9.61
N HIS B 234 -37.83 9.21 -9.49
CA HIS B 234 -38.80 8.81 -10.53
C HIS B 234 -38.37 9.26 -11.94
N ASN B 235 -37.84 10.48 -12.05
CA ASN B 235 -37.42 10.96 -13.36
C ASN B 235 -36.19 10.21 -13.86
N THR B 236 -35.11 10.30 -13.10
CA THR B 236 -33.84 9.65 -13.45
C THR B 236 -34.15 8.19 -13.76
N GLN B 237 -34.99 7.55 -12.96
CA GLN B 237 -35.32 6.12 -13.15
C GLN B 237 -35.94 5.94 -14.53
N GLN B 238 -36.91 6.78 -14.89
CA GLN B 238 -37.60 6.70 -16.20
C GLN B 238 -36.67 7.21 -17.29
N LEU B 239 -36.28 8.49 -17.23
CA LEU B 239 -35.31 9.07 -18.18
C LEU B 239 -34.18 8.06 -18.34
N GLY B 240 -33.85 7.31 -17.30
CA GLY B 240 -32.83 6.26 -17.36
C GLY B 240 -31.54 6.65 -16.66
N MET B 241 -31.53 7.77 -15.95
CA MET B 241 -30.32 8.28 -15.27
C MET B 241 -30.10 7.58 -13.92
N ARG B 242 -28.91 7.72 -13.31
CA ARG B 242 -28.55 7.17 -12.02
C ARG B 242 -28.30 8.29 -11.02
N LEU B 243 -28.87 8.23 -9.81
CA LEU B 243 -28.77 9.29 -8.76
C LEU B 243 -27.99 8.80 -7.53
N VAL B 244 -26.76 9.27 -7.31
CA VAL B 244 -25.89 8.93 -6.18
C VAL B 244 -25.91 10.06 -5.16
N LEU B 245 -26.13 9.65 -3.90
CA LEU B 245 -26.30 10.52 -2.77
C LEU B 245 -25.00 10.61 -2.00
N ASP B 246 -24.94 11.68 -1.24
CA ASP B 246 -23.74 12.07 -0.57
C ASP B 246 -23.89 11.63 0.89
N GLY B 247 -22.89 10.91 1.42
CA GLY B 247 -22.89 10.47 2.81
C GLY B 247 -21.89 11.20 3.69
N VAL B 248 -22.40 12.26 4.30
CA VAL B 248 -21.67 13.09 5.24
C VAL B 248 -21.54 12.26 6.51
N PHE B 249 -20.54 11.36 6.56
CA PHE B 249 -20.57 10.33 7.61
C PHE B 249 -19.45 10.37 8.68
N ASN B 250 -18.39 11.14 8.49
CA ASN B 250 -17.32 11.27 9.50
C ASN B 250 -17.87 12.04 10.69
N HIS B 251 -18.96 12.77 10.52
CA HIS B 251 -19.51 13.63 11.60
C HIS B 251 -20.98 13.97 11.37
N SER B 252 -21.62 14.60 12.35
CA SER B 252 -23.02 15.09 12.23
C SER B 252 -22.94 16.60 12.31
N GLY B 253 -24.07 17.29 12.29
CA GLY B 253 -24.10 18.75 12.43
C GLY B 253 -24.24 19.12 13.89
N ASP B 254 -23.70 20.24 14.35
CA ASP B 254 -23.79 20.55 15.78
C ASP B 254 -25.16 21.02 16.22
N SER B 255 -26.16 21.09 15.34
CA SER B 255 -27.52 21.49 15.65
C SER B 255 -28.48 20.32 15.48
N HIS B 256 -27.95 19.20 14.98
CA HIS B 256 -28.58 17.88 14.81
C HIS B 256 -29.15 17.37 16.11
N ALA B 257 -30.16 16.50 15.98
CA ALA B 257 -30.74 15.81 17.13
C ALA B 257 -29.68 15.32 18.13
N TRP B 258 -28.71 14.51 17.65
CA TRP B 258 -27.76 13.77 18.49
C TRP B 258 -26.80 14.60 19.35
N PHE B 259 -26.50 15.87 19.01
CA PHE B 259 -25.53 16.75 19.69
C PHE B 259 -26.23 17.95 20.30
N ASP B 260 -27.15 18.55 19.53
CA ASP B 260 -27.94 19.70 20.03
C ASP B 260 -27.02 20.68 20.76
N ARG B 261 -25.99 21.20 20.06
CA ARG B 261 -25.11 22.21 20.68
C ARG B 261 -25.90 23.51 20.84
N HIS B 262 -27.16 23.53 20.45
CA HIS B 262 -28.05 24.69 20.67
C HIS B 262 -29.07 24.26 21.70
N ASN B 263 -29.58 25.17 22.52
CA ASN B 263 -30.56 24.82 23.59
C ASN B 263 -31.94 24.85 22.93
N ARG B 264 -32.13 24.09 21.86
CA ARG B 264 -33.40 24.07 21.10
C ARG B 264 -33.72 22.63 20.71
N GLY B 265 -33.07 21.66 21.35
CA GLY B 265 -33.25 20.22 21.06
C GLY B 265 -33.39 19.54 22.40
N THR B 266 -33.14 18.24 22.47
CA THR B 266 -33.33 17.47 23.67
C THR B 266 -32.45 16.23 23.65
N GLY B 267 -31.95 15.88 24.83
CA GLY B 267 -31.14 14.70 24.88
C GLY B 267 -29.81 14.88 24.20
N GLY B 268 -29.49 16.10 23.79
CA GLY B 268 -28.34 16.31 22.94
C GLY B 268 -27.07 16.06 23.72
N ALA B 269 -26.09 15.50 23.04
CA ALA B 269 -24.88 15.18 23.76
C ALA B 269 -24.11 16.42 24.23
N CYS B 270 -24.41 17.66 23.77
CA CYS B 270 -23.53 18.73 24.26
C CYS B 270 -23.68 18.98 25.77
N HIS B 271 -24.81 19.51 26.19
CA HIS B 271 -24.91 19.94 27.58
C HIS B 271 -25.74 18.98 28.44
N ASN B 272 -25.70 17.70 28.09
CA ASN B 272 -26.30 16.62 28.89
C ASN B 272 -25.35 15.41 28.92
N PRO B 273 -24.60 15.23 30.01
CA PRO B 273 -23.49 14.26 29.94
C PRO B 273 -23.92 12.81 29.95
N GLU B 274 -25.14 12.51 30.41
CA GLU B 274 -25.61 11.11 30.53
C GLU B 274 -26.43 10.70 29.30
N SER B 275 -26.62 11.59 28.32
CA SER B 275 -27.48 11.31 27.17
C SER B 275 -27.03 10.05 26.42
N PRO B 276 -27.93 9.12 26.09
CA PRO B 276 -27.52 7.86 25.45
C PRO B 276 -26.61 8.06 24.23
N TRP B 277 -26.51 9.31 23.73
CA TRP B 277 -25.59 9.66 22.60
C TRP B 277 -24.25 10.25 23.06
N ARG B 278 -23.85 10.21 24.34
CA ARG B 278 -22.55 10.80 24.71
C ARG B 278 -21.38 10.06 24.04
N ASP B 279 -21.50 8.71 23.89
CA ASP B 279 -20.47 7.85 23.28
C ASP B 279 -20.51 7.86 21.75
N TRP B 280 -21.46 8.60 21.16
CA TRP B 280 -21.57 8.77 19.68
C TRP B 280 -20.53 9.81 19.26
N TYR B 281 -20.09 10.66 20.19
CA TYR B 281 -18.95 11.55 19.99
C TYR B 281 -17.89 11.32 21.07
N SER B 282 -16.66 11.70 20.73
CA SER B 282 -15.59 11.79 21.71
C SER B 282 -15.45 13.27 22.12
N PHE B 283 -15.23 13.50 23.41
CA PHE B 283 -15.01 14.84 23.96
C PHE B 283 -13.66 14.90 24.65
N SER B 284 -13.29 16.11 25.02
CA SER B 284 -12.11 16.31 25.85
C SER B 284 -12.56 16.66 27.27
N ASP B 285 -11.60 17.08 28.10
CA ASP B 285 -11.91 17.33 29.53
C ASP B 285 -12.52 18.71 29.83
N ASP B 286 -12.25 19.69 28.96
CA ASP B 286 -12.78 21.07 29.19
C ASP B 286 -14.16 21.00 28.53
N GLY B 287 -14.80 19.83 28.55
CA GLY B 287 -16.15 19.71 27.97
C GLY B 287 -16.11 19.74 26.45
N THR B 288 -15.15 20.46 25.87
CA THR B 288 -15.00 20.49 24.43
C THR B 288 -15.22 19.09 23.88
N ALA B 289 -15.94 18.99 22.76
CA ALA B 289 -16.07 17.74 22.00
C ALA B 289 -15.13 17.76 20.80
N LEU B 290 -14.88 16.59 20.23
CA LEU B 290 -13.97 16.58 19.09
C LEU B 290 -14.65 17.19 17.87
N ASP B 291 -14.25 18.42 17.53
CA ASP B 291 -14.89 19.13 16.43
C ASP B 291 -14.04 18.98 15.19
N TRP B 292 -14.71 18.79 14.04
CA TRP B 292 -14.07 18.57 12.74
C TRP B 292 -13.21 19.77 12.39
N LEU B 293 -11.89 19.60 12.44
CA LEU B 293 -10.97 20.67 12.11
C LEU B 293 -11.37 21.98 12.80
N GLY B 294 -11.76 21.86 14.07
CA GLY B 294 -12.05 22.98 14.93
C GLY B 294 -13.33 23.73 14.65
N TYR B 295 -14.07 23.30 13.61
CA TYR B 295 -15.38 23.88 13.25
C TYR B 295 -16.41 23.17 14.12
N ALA B 296 -16.86 23.81 15.21
CA ALA B 296 -17.78 23.22 16.16
C ALA B 296 -19.05 22.66 15.52
N SER B 297 -19.42 23.08 14.30
CA SER B 297 -20.68 22.72 13.65
C SER B 297 -20.74 21.27 13.17
N LEU B 298 -19.58 20.57 13.09
CA LEU B 298 -19.47 19.18 12.64
C LEU B 298 -18.68 18.42 13.71
N PRO B 299 -19.29 18.09 14.82
CA PRO B 299 -18.61 17.29 15.83
C PRO B 299 -18.27 15.96 15.21
N LYS B 300 -17.05 15.48 15.42
CA LYS B 300 -16.71 14.20 14.84
C LYS B 300 -17.34 13.09 15.69
N LEU B 301 -17.65 11.94 15.07
CA LEU B 301 -18.34 10.86 15.76
C LEU B 301 -17.36 9.72 16.11
N ASP B 302 -17.51 9.16 17.32
CA ASP B 302 -16.65 8.10 17.89
C ASP B 302 -17.15 6.72 17.47
N TYR B 303 -16.49 6.14 16.47
CA TYR B 303 -17.03 4.91 15.92
C TYR B 303 -16.75 3.65 16.72
N GLN B 304 -16.13 3.77 17.89
CA GLN B 304 -15.92 2.60 18.79
C GLN B 304 -17.25 2.32 19.48
N SER B 305 -18.33 3.03 19.14
CA SER B 305 -19.66 2.85 19.78
C SER B 305 -20.54 1.95 18.90
N GLU B 306 -20.78 0.71 19.31
CA GLU B 306 -21.66 -0.21 18.56
C GLU B 306 -23.02 0.42 18.29
N SER B 307 -23.45 1.32 19.18
CA SER B 307 -24.76 1.94 19.08
C SER B 307 -24.90 2.74 17.79
N LEU B 308 -23.95 3.67 17.56
CA LEU B 308 -23.78 4.40 16.31
C LEU B 308 -23.63 3.47 15.12
N VAL B 309 -22.72 2.50 15.25
CA VAL B 309 -22.39 1.56 14.17
C VAL B 309 -23.60 0.83 13.61
N ASN B 310 -24.62 0.53 14.42
CA ASN B 310 -25.86 0.07 13.79
C ASN B 310 -26.63 1.21 13.17
N GLU B 311 -26.61 2.39 13.78
CA GLU B 311 -27.33 3.52 13.22
C GLU B 311 -26.77 3.92 11.85
N ILE B 312 -25.45 4.06 11.75
CA ILE B 312 -24.89 4.50 10.47
C ILE B 312 -24.95 3.38 9.44
N TYR B 313 -24.36 2.21 9.72
CA TYR B 313 -24.35 1.19 8.66
C TYR B 313 -24.77 -0.27 8.97
N ARG B 314 -24.31 -0.86 10.07
CA ARG B 314 -24.57 -2.29 10.26
C ARG B 314 -26.06 -2.54 10.40
N GLY B 315 -26.77 -1.67 11.14
CA GLY B 315 -28.21 -1.85 11.41
C GLY B 315 -29.10 -1.82 10.17
N GLU B 316 -30.24 -2.52 10.26
CA GLU B 316 -30.97 -2.85 9.04
C GLU B 316 -31.45 -1.60 8.31
N ASP B 317 -32.10 -0.70 9.02
CA ASP B 317 -32.53 0.58 8.46
C ASP B 317 -31.52 1.63 8.81
N SER B 318 -30.26 1.24 8.72
CA SER B 318 -29.20 2.19 8.94
C SER B 318 -29.29 3.30 7.92
N ILE B 319 -28.82 4.47 8.29
CA ILE B 319 -28.81 5.57 7.35
C ILE B 319 -28.20 5.22 6.00
N VAL B 320 -27.30 4.25 5.94
CA VAL B 320 -26.67 3.87 4.67
C VAL B 320 -27.62 3.03 3.80
N ARG B 321 -28.20 1.96 4.35
CA ARG B 321 -29.08 1.02 3.66
C ARG B 321 -30.48 1.56 3.43
N HIS B 322 -30.79 2.70 4.02
CA HIS B 322 -32.12 3.27 3.92
C HIS B 322 -32.38 3.74 2.48
N TRP B 323 -31.54 4.66 2.01
CA TRP B 323 -31.68 5.27 0.70
C TRP B 323 -31.24 4.40 -0.43
N LEU B 324 -30.84 3.13 -0.21
CA LEU B 324 -30.39 2.17 -1.27
C LEU B 324 -31.45 1.09 -1.44
N LYS B 325 -32.54 1.19 -0.70
CA LYS B 325 -33.70 0.33 -0.63
C LYS B 325 -34.89 1.16 -1.08
N ALA B 326 -35.96 0.44 -1.41
CA ALA B 326 -37.26 1.10 -1.57
C ALA B 326 -37.60 1.88 -0.30
N PRO B 327 -38.11 3.10 -0.42
CA PRO B 327 -38.57 3.63 -1.70
C PRO B 327 -37.58 4.40 -2.53
N TRP B 328 -36.33 4.58 -2.13
CA TRP B 328 -35.50 5.56 -2.83
C TRP B 328 -34.57 4.99 -3.89
N ASN B 329 -34.12 3.75 -3.71
CA ASN B 329 -33.24 3.09 -4.70
C ASN B 329 -32.14 4.03 -5.22
N MET B 330 -31.38 4.68 -4.33
CA MET B 330 -30.24 5.49 -4.80
C MET B 330 -29.24 4.51 -5.41
N ASP B 331 -28.26 4.98 -6.17
CA ASP B 331 -27.34 4.06 -6.91
C ASP B 331 -26.00 3.95 -6.17
N GLY B 332 -25.85 4.60 -5.01
CA GLY B 332 -24.69 4.47 -4.16
C GLY B 332 -24.36 5.80 -3.49
N TRP B 333 -23.16 5.90 -2.90
CA TRP B 333 -22.85 7.10 -2.06
C TRP B 333 -21.56 7.82 -2.40
N ARG B 334 -21.34 9.00 -1.81
CA ARG B 334 -20.08 9.78 -1.94
C ARG B 334 -19.70 10.18 -0.52
N LEU B 335 -18.75 9.50 0.12
CA LEU B 335 -18.44 9.70 1.57
C LEU B 335 -17.56 10.94 1.81
N ASP B 336 -18.16 12.12 1.98
CA ASP B 336 -17.40 13.36 2.32
C ASP B 336 -16.44 13.05 3.47
N VAL B 337 -15.17 13.50 3.39
CA VAL B 337 -14.15 13.17 4.43
C VAL B 337 -14.16 11.74 4.97
N VAL B 338 -14.17 10.77 4.06
CA VAL B 338 -14.22 9.34 4.48
C VAL B 338 -12.95 8.84 5.17
N HIS B 339 -11.81 9.49 4.92
CA HIS B 339 -10.50 9.04 5.46
C HIS B 339 -10.42 9.24 6.99
N MET B 340 -11.05 10.26 7.55
CA MET B 340 -10.91 10.57 8.97
C MET B 340 -11.97 9.87 9.77
N LEU B 341 -12.70 8.94 9.18
CA LEU B 341 -13.71 8.26 9.96
C LEU B 341 -13.06 7.18 10.79
N GLY B 342 -13.29 7.26 12.10
CA GLY B 342 -12.73 6.28 13.02
C GLY B 342 -13.12 6.53 14.47
N GLU B 343 -12.41 5.87 15.39
CA GLU B 343 -12.74 5.93 16.80
C GLU B 343 -11.78 6.87 17.56
N ALA B 344 -12.14 7.11 18.83
CA ALA B 344 -11.50 8.11 19.71
C ALA B 344 -11.30 9.45 19.01
N GLY B 345 -12.40 9.95 18.44
CA GLY B 345 -12.43 11.19 17.67
C GLY B 345 -11.23 11.36 16.76
N GLY B 346 -10.91 10.31 16.05
CA GLY B 346 -9.76 10.28 15.18
C GLY B 346 -9.93 9.13 14.20
N ALA B 347 -8.83 8.73 13.56
CA ALA B 347 -8.87 7.64 12.61
C ALA B 347 -8.53 6.25 13.23
N ARG B 348 -8.86 5.98 14.48
CA ARG B 348 -8.56 4.66 15.02
C ARG B 348 -9.48 3.65 14.30
N ASN B 349 -8.91 2.59 13.70
CA ASN B 349 -9.64 1.60 12.85
C ASN B 349 -10.50 2.26 11.78
N ASN B 350 -9.86 3.15 11.02
CA ASN B 350 -10.52 3.84 9.91
C ASN B 350 -11.02 2.88 8.85
N MET B 351 -10.09 2.13 8.26
CA MET B 351 -10.41 1.18 7.18
C MET B 351 -11.46 0.18 7.66
N GLN B 352 -11.56 -0.10 8.97
CA GLN B 352 -12.53 -1.10 9.38
C GLN B 352 -13.93 -0.60 9.08
N HIS B 353 -14.16 0.67 9.37
CA HIS B 353 -15.50 1.32 9.24
C HIS B 353 -15.84 1.65 7.79
N VAL B 354 -14.91 2.29 7.06
CA VAL B 354 -15.12 2.68 5.64
C VAL B 354 -15.69 1.47 4.90
N ALA B 355 -15.04 0.30 5.02
CA ALA B 355 -15.50 -0.94 4.39
C ALA B 355 -16.87 -1.31 4.94
N GLY B 356 -17.12 -1.04 6.23
CA GLY B 356 -18.42 -1.35 6.88
C GLY B 356 -19.58 -0.63 6.21
N ILE B 357 -19.46 0.68 5.97
CA ILE B 357 -20.53 1.48 5.31
C ILE B 357 -20.62 1.04 3.85
N THR B 358 -19.49 0.86 3.18
CA THR B 358 -19.44 0.39 1.77
C THR B 358 -20.00 -1.03 1.71
N GLU B 359 -19.81 -1.82 2.77
CA GLU B 359 -20.32 -3.21 2.85
C GLU B 359 -21.82 -3.17 3.11
N ALA B 360 -22.30 -2.21 3.92
CA ALA B 360 -23.74 -2.03 4.22
C ALA B 360 -24.44 -1.52 2.96
N ALA B 361 -23.74 -0.71 2.14
CA ALA B 361 -24.32 -0.11 0.93
C ALA B 361 -24.51 -1.16 -0.17
N LYS B 362 -23.66 -2.19 -0.23
CA LYS B 362 -23.80 -3.31 -1.20
C LYS B 362 -24.85 -4.30 -0.69
N GLU B 363 -24.75 -4.73 0.58
CA GLU B 363 -25.68 -5.75 1.10
C GLU B 363 -27.13 -5.38 0.82
N THR B 364 -27.42 -4.08 0.86
CA THR B 364 -28.71 -3.56 0.41
C THR B 364 -28.74 -3.40 -1.12
N GLN B 365 -27.79 -2.64 -1.70
CA GLN B 365 -27.84 -2.45 -3.14
C GLN B 365 -26.64 -3.24 -3.70
N PRO B 366 -26.80 -4.59 -3.96
CA PRO B 366 -25.70 -5.42 -4.49
C PRO B 366 -24.89 -4.81 -5.62
N GLU B 367 -25.54 -4.00 -6.44
CA GLU B 367 -24.81 -3.26 -7.46
C GLU B 367 -24.56 -1.81 -7.05
N ALA B 368 -24.09 -1.60 -5.84
CA ALA B 368 -23.95 -0.21 -5.49
C ALA B 368 -22.56 0.34 -5.89
N TYR B 369 -22.53 1.65 -5.98
CA TYR B 369 -21.36 2.44 -6.32
C TYR B 369 -21.08 3.18 -5.03
N ILE B 370 -19.87 3.02 -4.47
CA ILE B 370 -19.45 3.72 -3.25
C ILE B 370 -18.14 4.47 -3.53
N VAL B 371 -18.17 5.80 -3.30
CA VAL B 371 -17.08 6.72 -3.61
C VAL B 371 -16.73 7.57 -2.39
N GLY B 372 -15.43 7.70 -2.10
CA GLY B 372 -14.95 8.46 -0.95
C GLY B 372 -14.29 9.78 -1.35
N GLU B 373 -14.45 10.80 -0.52
CA GLU B 373 -13.85 12.13 -0.76
C GLU B 373 -12.36 12.11 -0.40
N HIS B 374 -11.47 11.91 -1.34
CA HIS B 374 -10.02 11.79 -1.02
C HIS B 374 -9.24 12.93 -1.65
N PHE B 375 -8.77 13.92 -0.87
CA PHE B 375 -7.97 14.97 -1.51
C PHE B 375 -6.55 14.58 -1.78
N GLY B 376 -6.16 13.38 -1.39
CA GLY B 376 -4.79 12.93 -1.50
C GLY B 376 -4.69 11.48 -1.91
N ASP B 377 -3.61 10.81 -1.52
CA ASP B 377 -3.41 9.43 -1.94
C ASP B 377 -4.43 8.53 -1.27
N ALA B 378 -5.25 7.88 -2.07
CA ALA B 378 -6.23 6.91 -1.60
C ALA B 378 -5.78 5.46 -1.83
N ARG B 379 -4.49 5.25 -2.20
CA ARG B 379 -4.11 3.98 -2.83
C ARG B 379 -4.35 2.78 -1.93
N GLN B 380 -3.81 2.82 -0.71
CA GLN B 380 -3.88 1.67 0.23
C GLN B 380 -5.33 1.25 0.41
N TRP B 381 -6.24 2.21 0.59
CA TRP B 381 -7.68 1.91 0.78
C TRP B 381 -8.19 1.19 -0.46
N LEU B 382 -7.75 1.65 -1.64
CA LEU B 382 -8.35 1.06 -2.82
C LEU B 382 -7.86 -0.36 -3.02
N GLN B 383 -6.59 -0.61 -2.63
CA GLN B 383 -6.03 -1.94 -2.68
C GLN B 383 -6.66 -2.84 -1.61
N ALA B 384 -7.31 -2.23 -0.62
CA ALA B 384 -8.05 -3.06 0.31
C ALA B 384 -9.35 -3.56 -0.29
N ASP B 385 -9.86 -2.89 -1.34
CA ASP B 385 -11.26 -2.96 -1.80
C ASP B 385 -12.21 -2.24 -0.83
N VAL B 386 -11.80 -1.26 -0.05
CA VAL B 386 -12.86 -0.68 0.77
C VAL B 386 -13.61 0.41 0.02
N GLU B 387 -13.23 0.75 -1.20
CA GLU B 387 -14.01 1.71 -1.95
C GLU B 387 -14.02 1.30 -3.40
N ASP B 388 -15.20 1.37 -4.01
CA ASP B 388 -15.17 1.00 -5.41
C ASP B 388 -14.33 2.02 -6.15
N ALA B 389 -14.48 3.30 -5.80
CA ALA B 389 -13.70 4.39 -6.43
C ALA B 389 -13.62 5.59 -5.47
N ALA B 390 -13.11 6.72 -5.95
CA ALA B 390 -12.98 7.94 -5.11
C ALA B 390 -12.82 9.17 -6.00
N MET B 391 -13.20 10.36 -5.50
CA MET B 391 -12.94 11.61 -6.25
C MET B 391 -11.45 11.51 -6.59
N ASN B 392 -11.06 11.51 -7.86
CA ASN B 392 -9.68 11.18 -8.21
C ASN B 392 -8.78 12.44 -8.29
N TYR B 393 -8.74 13.21 -7.17
CA TYR B 393 -7.97 14.47 -7.07
C TYR B 393 -6.49 14.34 -7.34
N ARG B 394 -5.83 13.35 -6.77
CA ARG B 394 -4.35 13.15 -6.95
C ARG B 394 -4.11 12.20 -8.12
N GLY B 395 -5.12 11.46 -8.57
CA GLY B 395 -4.92 10.45 -9.62
C GLY B 395 -5.29 10.97 -10.98
N PHE B 396 -5.78 12.21 -11.06
CA PHE B 396 -6.21 12.84 -12.33
C PHE B 396 -6.18 14.35 -12.19
N THR B 397 -7.07 14.91 -11.37
CA THR B 397 -7.22 16.38 -11.24
C THR B 397 -5.88 17.07 -11.00
N PHE B 398 -5.16 16.75 -9.93
CA PHE B 398 -3.91 17.47 -9.54
C PHE B 398 -2.80 17.25 -10.56
N PRO B 399 -2.52 16.03 -11.02
CA PRO B 399 -1.53 15.87 -12.08
C PRO B 399 -1.82 16.92 -13.14
N LEU B 400 -3.08 17.09 -13.54
CA LEU B 400 -3.51 18.00 -14.59
C LEU B 400 -3.32 19.46 -14.13
N TRP B 401 -3.68 19.76 -12.86
CA TRP B 401 -3.52 21.09 -12.28
C TRP B 401 -2.07 21.54 -12.33
N GLY B 402 -1.14 20.61 -12.24
CA GLY B 402 0.24 21.02 -12.30
C GLY B 402 0.60 21.34 -13.74
N PHE B 403 0.32 20.43 -14.66
CA PHE B 403 0.71 20.69 -16.03
C PHE B 403 -0.01 21.90 -16.59
N LEU B 404 -1.34 21.81 -16.70
CA LEU B 404 -2.15 22.75 -17.49
C LEU B 404 -2.32 24.09 -16.77
N ALA B 405 -2.43 24.10 -15.44
CA ALA B 405 -2.63 25.33 -14.65
C ALA B 405 -1.37 25.79 -13.89
N ASN B 406 -0.38 24.91 -13.73
CA ASN B 406 0.82 25.22 -12.99
C ASN B 406 0.46 25.72 -11.59
N THR B 407 -0.07 24.80 -10.79
CA THR B 407 -0.51 25.07 -9.41
C THR B 407 -0.57 23.72 -8.67
N ASP B 408 -0.62 23.72 -7.33
CA ASP B 408 -0.60 22.46 -6.54
C ASP B 408 -1.95 22.30 -5.84
N ILE B 409 -1.97 21.81 -4.59
CA ILE B 409 -3.22 21.55 -3.83
C ILE B 409 -3.49 22.74 -2.90
N SER B 410 -2.45 23.30 -2.29
CA SER B 410 -2.57 24.45 -1.34
C SER B 410 -1.68 25.62 -1.78
N TYR B 411 -0.79 25.43 -2.76
CA TYR B 411 0.16 26.48 -3.21
C TYR B 411 0.24 26.53 -4.74
N ASP B 412 0.26 27.72 -5.34
CA ASP B 412 0.37 27.88 -6.81
C ASP B 412 1.79 27.51 -7.24
N PRO B 413 2.84 28.00 -6.58
CA PRO B 413 4.22 27.77 -7.04
C PRO B 413 4.39 26.32 -7.49
N GLN B 414 4.50 26.07 -8.80
CA GLN B 414 4.60 24.69 -9.35
C GLN B 414 4.87 24.70 -10.86
N GLN B 415 5.95 24.04 -11.30
CA GLN B 415 6.28 23.90 -12.72
C GLN B 415 6.49 22.44 -13.07
N ILE B 416 5.68 21.90 -13.96
CA ILE B 416 5.99 20.59 -14.48
C ILE B 416 5.92 20.56 -16.00
N ASP B 417 6.56 19.55 -16.54
CA ASP B 417 6.57 19.21 -17.94
C ASP B 417 5.71 17.97 -18.13
N ALA B 418 5.58 17.59 -19.40
CA ALA B 418 4.77 16.43 -19.78
C ALA B 418 5.28 15.11 -19.19
N GLN B 419 6.61 14.89 -19.21
CA GLN B 419 7.18 13.64 -18.71
C GLN B 419 6.96 13.48 -17.20
N THR B 420 7.35 14.50 -16.41
CA THR B 420 7.12 14.50 -14.96
C THR B 420 5.65 14.24 -14.63
N CYS B 421 4.74 14.97 -15.27
CA CYS B 421 3.30 14.72 -15.10
C CYS B 421 2.94 13.28 -15.37
N MET B 422 3.27 12.79 -16.56
CA MET B 422 2.76 11.50 -17.04
C MET B 422 3.15 10.32 -16.10
N ALA B 423 4.40 10.28 -15.61
CA ALA B 423 4.76 9.23 -14.65
C ALA B 423 3.83 9.23 -13.44
N TRP B 424 3.66 10.41 -12.82
CA TRP B 424 2.67 10.66 -11.77
C TRP B 424 1.37 9.92 -12.06
N MET B 425 0.79 10.16 -13.26
CA MET B 425 -0.49 9.55 -13.68
C MET B 425 -0.37 8.05 -13.88
N ASP B 426 0.66 7.58 -14.59
CA ASP B 426 0.82 6.14 -14.71
C ASP B 426 0.99 5.48 -13.34
N ASN B 427 1.70 6.16 -12.42
CA ASN B 427 2.02 5.60 -11.10
C ASN B 427 0.73 5.28 -10.35
N TYR B 428 -0.06 6.31 -10.12
CA TYR B 428 -1.31 6.18 -9.43
C TYR B 428 -2.19 5.11 -10.10
N ARG B 429 -2.11 4.98 -11.44
CA ARG B 429 -2.88 3.95 -12.13
C ARG B 429 -2.38 2.56 -11.78
N ALA B 430 -1.04 2.37 -11.85
CA ALA B 430 -0.39 1.08 -11.57
C ALA B 430 -0.88 0.52 -10.26
N GLY B 431 -0.97 1.36 -9.26
CA GLY B 431 -1.50 0.92 -8.03
C GLY B 431 -2.97 0.65 -8.05
N LEU B 432 -3.70 0.92 -9.14
CA LEU B 432 -5.15 0.71 -9.20
C LEU B 432 -5.51 -0.38 -10.19
N SER B 433 -6.43 -1.29 -9.82
CA SER B 433 -6.75 -2.30 -10.82
C SER B 433 -7.57 -1.67 -11.92
N HIS B 434 -7.52 -2.27 -13.12
CA HIS B 434 -8.24 -1.69 -14.30
C HIS B 434 -9.72 -1.52 -13.99
N GLN B 435 -10.36 -2.54 -13.43
CA GLN B 435 -11.79 -2.47 -13.12
C GLN B 435 -12.03 -1.26 -12.23
N GLN B 436 -11.01 -0.75 -11.51
CA GLN B 436 -11.15 0.45 -10.66
C GLN B 436 -10.71 1.70 -11.42
N GLN B 437 -9.83 1.55 -12.42
CA GLN B 437 -9.31 2.75 -13.07
C GLN B 437 -10.41 3.39 -13.86
N LEU B 438 -11.29 2.53 -14.40
CA LEU B 438 -12.45 2.93 -15.17
C LEU B 438 -13.55 3.47 -14.24
N ARG B 439 -13.49 3.09 -12.96
CA ARG B 439 -14.47 3.51 -11.93
C ARG B 439 -13.98 4.75 -11.18
N MET B 440 -12.79 5.27 -11.45
CA MET B 440 -12.28 6.44 -10.77
C MET B 440 -12.93 7.71 -11.27
N PHE B 441 -13.22 8.57 -10.31
CA PHE B 441 -14.18 9.64 -10.43
C PHE B 441 -13.55 10.96 -10.78
N ASN B 442 -13.08 10.97 -12.02
CA ASN B 442 -12.35 12.07 -12.62
C ASN B 442 -13.16 13.36 -12.60
N GLN B 443 -12.67 14.39 -11.94
CA GLN B 443 -13.22 15.69 -12.28
C GLN B 443 -12.10 16.70 -12.17
N LEU B 444 -12.41 17.93 -12.55
CA LEU B 444 -11.42 18.99 -12.78
C LEU B 444 -11.41 20.07 -11.72
N ASP B 445 -12.55 20.26 -11.02
CA ASP B 445 -12.66 21.14 -9.86
C ASP B 445 -13.99 20.79 -9.19
N SER B 446 -14.36 21.49 -8.10
CA SER B 446 -15.57 21.13 -7.36
C SER B 446 -15.88 22.20 -6.31
N HIS B 447 -16.85 21.87 -5.45
CA HIS B 447 -17.33 22.75 -4.39
C HIS B 447 -16.35 22.96 -3.25
N ASP B 448 -15.21 22.25 -3.23
CA ASP B 448 -14.15 22.45 -2.23
C ASP B 448 -12.83 22.99 -2.82
N THR B 449 -12.83 23.28 -4.13
CA THR B 449 -11.63 23.76 -4.86
C THR B 449 -11.94 25.05 -5.61
N ALA B 450 -10.96 25.63 -6.30
CA ALA B 450 -11.13 26.85 -7.12
C ALA B 450 -11.57 26.42 -8.51
N ARG B 451 -12.39 27.22 -9.19
CA ARG B 451 -12.84 26.85 -10.54
C ARG B 451 -11.69 26.79 -11.54
N PHE B 452 -11.64 25.69 -12.30
CA PHE B 452 -10.49 25.43 -13.19
C PHE B 452 -10.19 26.62 -14.09
N LYS B 453 -11.23 27.16 -14.71
CA LYS B 453 -11.08 28.30 -15.60
C LYS B 453 -10.30 29.42 -14.92
N THR B 454 -10.69 29.81 -13.69
CA THR B 454 -9.94 30.84 -12.96
C THR B 454 -8.54 30.38 -12.52
N LEU B 455 -8.30 29.07 -12.42
CA LEU B 455 -6.95 28.61 -12.13
C LEU B 455 -6.03 28.84 -13.28
N LEU B 456 -6.53 28.57 -14.48
CA LEU B 456 -5.82 28.71 -15.72
C LEU B 456 -5.27 30.12 -15.89
N GLY B 457 -5.82 31.11 -15.16
CA GLY B 457 -5.31 32.46 -15.20
C GLY B 457 -5.26 33.05 -16.60
N ARG B 458 -4.08 33.57 -16.96
CA ARG B 458 -3.90 34.11 -18.29
C ARG B 458 -3.80 33.05 -19.37
N ASP B 459 -3.96 31.75 -19.06
CA ASP B 459 -3.80 30.68 -20.05
C ASP B 459 -5.07 29.89 -20.28
N ILE B 460 -6.20 30.58 -20.13
CA ILE B 460 -7.52 29.97 -20.34
C ILE B 460 -7.55 29.14 -21.63
N ALA B 461 -6.69 29.50 -22.59
CA ALA B 461 -6.55 28.82 -23.88
C ALA B 461 -6.61 27.31 -23.73
N ARG B 462 -6.05 26.76 -22.66
CA ARG B 462 -5.88 25.30 -22.53
C ARG B 462 -7.14 24.58 -22.00
N LEU B 463 -8.13 25.30 -21.48
CA LEU B 463 -9.34 24.66 -21.01
C LEU B 463 -9.81 23.56 -21.96
N PRO B 464 -9.79 23.78 -23.27
CA PRO B 464 -10.18 22.70 -24.19
C PRO B 464 -9.43 21.39 -23.99
N LEU B 465 -8.10 21.44 -23.90
CA LEU B 465 -7.28 20.25 -23.70
C LEU B 465 -7.82 19.43 -22.56
N ALA B 466 -7.85 20.08 -21.39
CA ALA B 466 -8.34 19.47 -20.17
C ALA B 466 -9.69 18.80 -20.38
N VAL B 467 -10.61 19.50 -21.04
CA VAL B 467 -11.94 18.94 -21.21
C VAL B 467 -11.86 17.63 -21.99
N VAL B 468 -11.04 17.62 -23.04
CA VAL B 468 -10.84 16.39 -23.79
C VAL B 468 -10.38 15.29 -22.84
N TRP B 469 -9.32 15.60 -22.07
CA TRP B 469 -8.67 14.70 -21.12
C TRP B 469 -9.70 14.07 -20.18
N LEU B 470 -10.56 14.93 -19.58
CA LEU B 470 -11.57 14.50 -18.62
C LEU B 470 -12.43 13.33 -19.14
N PHE B 471 -12.69 13.28 -20.44
CA PHE B 471 -13.59 12.29 -21.02
C PHE B 471 -12.85 11.15 -21.69
N THR B 472 -11.55 11.33 -21.98
CA THR B 472 -10.69 10.42 -22.76
C THR B 472 -9.71 9.59 -21.93
N TRP B 473 -9.29 10.12 -20.78
CA TRP B 473 -8.43 9.35 -19.90
C TRP B 473 -9.28 8.31 -19.20
N PRO B 474 -8.71 7.17 -18.85
CA PRO B 474 -9.52 6.12 -18.27
C PRO B 474 -10.18 6.67 -17.04
N GLY B 475 -11.38 6.16 -16.78
CA GLY B 475 -12.17 6.53 -15.63
C GLY B 475 -13.48 7.17 -16.04
N VAL B 476 -14.35 7.40 -15.06
CA VAL B 476 -15.69 8.01 -15.31
C VAL B 476 -15.57 9.52 -15.12
N PRO B 477 -16.12 10.34 -16.03
CA PRO B 477 -16.08 11.79 -15.84
C PRO B 477 -17.21 12.25 -14.94
N CYS B 478 -17.08 13.40 -14.28
CA CYS B 478 -18.16 14.00 -13.45
C CYS B 478 -18.13 15.50 -13.67
N ILE B 479 -18.80 15.98 -14.71
CA ILE B 479 -18.82 17.43 -15.05
C ILE B 479 -19.52 18.19 -13.92
N TYR B 480 -18.77 18.94 -13.12
CA TYR B 480 -19.34 19.74 -12.02
C TYR B 480 -20.19 20.84 -12.63
N TYR B 481 -21.46 20.93 -12.26
CA TYR B 481 -22.40 21.92 -12.81
C TYR B 481 -21.68 23.23 -13.04
N GLY B 482 -21.82 23.84 -14.22
CA GLY B 482 -21.25 25.19 -14.51
C GLY B 482 -20.13 25.20 -15.54
N ASP B 483 -19.04 24.46 -15.34
CA ASP B 483 -17.86 24.56 -16.25
C ASP B 483 -18.19 24.27 -17.72
N GLU B 484 -19.27 23.54 -18.03
CA GLU B 484 -19.66 23.29 -19.44
C GLU B 484 -20.08 24.61 -20.07
N VAL B 485 -20.78 25.46 -19.34
CA VAL B 485 -21.25 26.78 -19.86
C VAL B 485 -20.22 27.84 -19.48
N GLY B 486 -19.01 27.43 -19.09
CA GLY B 486 -17.93 28.40 -18.83
C GLY B 486 -18.17 29.21 -17.58
N LEU B 487 -18.74 28.60 -16.53
CA LEU B 487 -18.99 29.28 -15.24
C LEU B 487 -17.65 29.52 -14.54
N ASP B 488 -17.53 30.64 -13.85
CA ASP B 488 -16.32 30.99 -13.09
C ASP B 488 -16.49 30.96 -11.59
N GLY B 489 -15.42 31.21 -10.83
CA GLY B 489 -15.48 31.19 -9.37
C GLY B 489 -14.06 31.12 -8.87
N LYS B 490 -13.78 30.81 -7.61
CA LYS B 490 -12.42 30.85 -7.06
C LYS B 490 -12.09 30.00 -5.82
N ASN B 491 -13.02 29.91 -4.87
CA ASN B 491 -12.79 29.14 -3.61
C ASN B 491 -14.13 28.50 -3.19
N ASP B 492 -14.20 27.93 -1.99
CA ASP B 492 -15.42 27.25 -1.48
C ASP B 492 -16.59 28.26 -1.41
N PRO B 493 -16.38 29.57 -1.14
CA PRO B 493 -17.48 30.54 -1.16
C PRO B 493 -17.71 31.19 -2.53
N PHE B 494 -16.87 30.90 -3.53
CA PHE B 494 -16.98 31.53 -4.88
C PHE B 494 -17.07 30.49 -5.99
N CYS B 495 -16.84 29.20 -5.71
CA CYS B 495 -16.82 28.13 -6.76
C CYS B 495 -18.20 27.49 -6.89
N ARG B 496 -19.21 27.99 -6.19
CA ARG B 496 -20.61 27.48 -6.29
C ARG B 496 -21.52 28.62 -6.77
N LYS B 497 -21.17 29.27 -7.87
CA LYS B 497 -21.98 30.34 -8.45
C LYS B 497 -23.26 29.74 -9.02
N PRO B 498 -24.36 30.50 -9.01
CA PRO B 498 -25.61 29.96 -9.52
C PRO B 498 -25.49 29.73 -11.02
N PHE B 499 -26.09 28.64 -11.47
CA PHE B 499 -25.98 28.29 -12.86
C PHE B 499 -26.63 29.40 -13.69
N PRO B 500 -25.93 29.94 -14.69
CA PRO B 500 -26.50 30.99 -15.54
C PRO B 500 -27.32 30.40 -16.67
N TRP B 501 -28.62 30.69 -16.76
CA TRP B 501 -29.49 30.07 -17.77
C TRP B 501 -29.70 30.89 -19.04
N GLN B 502 -29.17 32.12 -19.02
CA GLN B 502 -29.21 33.11 -20.10
C GLN B 502 -28.15 32.78 -21.14
N VAL B 503 -28.63 32.40 -22.34
CA VAL B 503 -27.73 31.92 -23.38
C VAL B 503 -26.66 32.95 -23.62
N GLU B 504 -26.99 34.22 -23.43
CA GLU B 504 -26.01 35.23 -23.74
C GLU B 504 -24.90 35.29 -22.70
N LYS B 505 -25.06 34.65 -21.55
CA LYS B 505 -23.95 34.66 -20.61
C LYS B 505 -23.08 33.41 -20.73
N GLN B 506 -23.66 32.31 -21.20
CA GLN B 506 -22.93 31.06 -21.36
C GLN B 506 -21.94 31.18 -22.53
N ASP B 507 -20.70 30.74 -22.27
CA ASP B 507 -19.74 30.41 -23.31
C ASP B 507 -20.20 29.10 -23.97
N THR B 508 -21.11 29.24 -24.93
CA THR B 508 -21.70 28.09 -25.62
C THR B 508 -20.67 27.30 -26.41
N ALA B 509 -19.59 27.95 -26.84
CA ALA B 509 -18.47 27.25 -27.45
C ALA B 509 -18.00 26.07 -26.59
N LEU B 510 -17.74 26.36 -25.31
CA LEU B 510 -17.39 25.33 -24.35
C LEU B 510 -18.44 24.22 -24.32
N PHE B 511 -19.73 24.59 -24.20
CA PHE B 511 -20.81 23.59 -24.14
C PHE B 511 -20.72 22.61 -25.31
N ALA B 512 -20.51 23.15 -26.51
CA ALA B 512 -20.38 22.30 -27.69
C ALA B 512 -19.36 21.22 -27.41
N LEU B 513 -18.13 21.62 -27.10
CA LEU B 513 -17.05 20.68 -26.92
C LEU B 513 -17.47 19.51 -26.03
N TYR B 514 -18.08 19.82 -24.89
CA TYR B 514 -18.57 18.74 -24.05
C TYR B 514 -19.38 17.75 -24.83
N GLN B 515 -20.51 18.22 -25.36
CA GLN B 515 -21.45 17.38 -26.09
C GLN B 515 -20.70 16.36 -26.92
N ARG B 516 -19.77 16.84 -27.76
CA ARG B 516 -19.00 16.01 -28.68
C ARG B 516 -18.25 14.94 -27.90
N MET B 517 -17.44 15.38 -26.97
CA MET B 517 -16.70 14.48 -26.12
C MET B 517 -17.61 13.46 -25.46
N ILE B 518 -18.70 13.93 -24.82
CA ILE B 518 -19.65 13.03 -24.15
C ILE B 518 -20.14 11.98 -25.13
N ALA B 519 -20.55 12.42 -26.30
CA ALA B 519 -21.04 11.51 -27.32
C ALA B 519 -19.93 10.58 -27.78
N LEU B 520 -18.79 11.16 -28.13
CA LEU B 520 -17.67 10.33 -28.57
C LEU B 520 -17.41 9.22 -27.55
N ARG B 521 -17.28 9.62 -26.28
CA ARG B 521 -17.17 8.67 -25.17
C ARG B 521 -18.31 7.66 -25.16
N LYS B 522 -19.55 8.12 -25.40
CA LYS B 522 -20.66 7.19 -25.39
C LYS B 522 -20.60 6.21 -26.57
N LYS B 523 -20.11 6.64 -27.74
CA LYS B 523 -20.08 5.71 -28.85
C LYS B 523 -19.01 4.66 -28.68
N SER B 524 -17.90 4.98 -28.01
CA SER B 524 -16.73 4.15 -28.08
C SER B 524 -16.73 3.09 -26.99
N GLN B 525 -16.53 1.84 -27.40
CA GLN B 525 -16.06 0.82 -26.48
C GLN B 525 -14.77 1.27 -25.79
N ALA B 526 -13.86 1.89 -26.53
CA ALA B 526 -12.54 2.22 -25.98
C ALA B 526 -12.63 3.15 -24.77
N LEU B 527 -13.19 4.35 -24.95
CA LEU B 527 -13.05 5.40 -23.96
C LEU B 527 -13.71 5.06 -22.63
N ARG B 528 -14.49 3.98 -22.59
CA ARG B 528 -15.20 3.52 -21.40
C ARG B 528 -14.57 2.29 -20.78
N HIS B 529 -14.24 1.27 -21.59
CA HIS B 529 -13.78 -0.03 -21.10
C HIS B 529 -12.37 -0.46 -21.52
N GLY B 530 -11.55 0.44 -22.04
CA GLY B 530 -10.36 0.01 -22.73
C GLY B 530 -9.06 0.48 -22.12
N GLY B 531 -7.99 -0.24 -22.40
CA GLY B 531 -6.67 0.14 -21.94
C GLY B 531 -6.18 1.50 -22.42
N CYS B 532 -5.07 1.94 -21.83
CA CYS B 532 -4.48 3.24 -22.11
C CYS B 532 -2.97 3.18 -22.02
N GLN B 533 -2.27 3.57 -23.07
CA GLN B 533 -0.83 3.67 -22.93
C GLN B 533 -0.28 4.94 -23.55
N VAL B 534 0.28 5.81 -22.71
CA VAL B 534 1.01 6.96 -23.19
C VAL B 534 2.07 6.49 -24.17
N LEU B 535 2.12 7.17 -25.31
CA LEU B 535 3.02 6.85 -26.38
C LEU B 535 4.07 7.91 -26.57
N TYR B 536 3.81 9.12 -26.14
CA TYR B 536 4.88 10.08 -26.25
C TYR B 536 4.66 11.10 -25.13
N ALA B 537 5.75 11.46 -24.48
CA ALA B 537 5.72 12.31 -23.31
C ALA B 537 6.91 13.26 -23.39
N GLU B 538 6.63 14.51 -23.71
CA GLU B 538 7.67 15.53 -23.76
C GLU B 538 7.07 16.93 -23.64
N ASP B 539 7.70 17.75 -22.74
CA ASP B 539 7.49 19.18 -22.56
C ASP B 539 5.99 19.34 -22.60
N ASN B 540 5.49 20.15 -23.53
CA ASN B 540 4.06 20.46 -23.60
C ASN B 540 3.18 19.45 -24.31
N VAL B 541 3.76 18.39 -24.81
CA VAL B 541 3.03 17.49 -25.67
C VAL B 541 2.86 16.19 -24.94
N VAL B 542 1.66 15.65 -25.03
CA VAL B 542 1.38 14.32 -24.52
C VAL B 542 0.51 13.64 -25.55
N VAL B 543 0.79 12.37 -25.80
CA VAL B 543 0.13 11.62 -26.87
C VAL B 543 -0.21 10.30 -26.27
N PHE B 544 -1.46 9.94 -26.33
CA PHE B 544 -1.78 8.70 -25.68
C PHE B 544 -2.81 8.00 -26.51
N VAL B 545 -3.07 6.75 -26.20
CA VAL B 545 -4.01 6.01 -27.03
C VAL B 545 -4.82 5.04 -26.19
N ARG B 546 -6.14 5.19 -26.19
CA ARG B 546 -6.97 4.17 -25.55
C ARG B 546 -7.18 3.05 -26.55
N VAL B 547 -7.27 1.80 -26.07
CA VAL B 547 -7.27 0.69 -27.01
C VAL B 547 -8.15 -0.45 -26.50
N LEU B 548 -8.86 -1.12 -27.42
CA LEU B 548 -9.66 -2.31 -27.11
C LEU B 548 -9.89 -3.15 -28.37
N ASN B 549 -9.63 -4.47 -28.21
CA ASN B 549 -9.74 -5.48 -29.27
C ASN B 549 -9.16 -4.67 -30.43
N GLN B 550 -9.95 -4.61 -31.48
CA GLN B 550 -9.64 -3.83 -32.65
C GLN B 550 -9.80 -2.32 -32.62
N GLN B 551 -10.70 -1.80 -31.80
CA GLN B 551 -10.97 -0.37 -31.81
C GLN B 551 -9.79 0.39 -31.20
N ARG B 552 -9.53 1.58 -31.75
CA ARG B 552 -8.45 2.45 -31.30
C ARG B 552 -8.97 3.88 -31.25
N VAL B 553 -8.22 4.73 -30.54
CA VAL B 553 -8.53 6.13 -30.34
C VAL B 553 -7.25 6.87 -30.04
N LEU B 554 -6.85 7.77 -30.89
CA LEU B 554 -5.68 8.54 -30.58
C LEU B 554 -6.12 9.87 -29.94
N VAL B 555 -5.21 10.46 -29.16
CA VAL B 555 -5.38 11.76 -28.54
C VAL B 555 -4.01 12.43 -28.55
N ALA B 556 -3.96 13.74 -28.54
CA ALA B 556 -2.66 14.40 -28.44
C ALA B 556 -2.83 15.85 -28.06
N ILE B 557 -2.26 16.25 -26.94
CA ILE B 557 -2.39 17.64 -26.51
C ILE B 557 -1.06 18.34 -26.63
N ASN B 558 -1.15 19.67 -26.77
CA ASN B 558 0.04 20.57 -26.80
C ASN B 558 -0.36 21.88 -26.12
N ARG B 559 -0.09 22.04 -24.83
CA ARG B 559 -0.35 23.28 -24.10
C ARG B 559 0.62 24.43 -24.48
N GLY B 560 1.34 24.32 -25.58
CA GLY B 560 2.36 25.34 -25.86
C GLY B 560 2.35 25.79 -27.31
N GLU B 561 3.45 26.39 -27.76
CA GLU B 561 3.61 26.66 -29.18
C GLU B 561 3.44 25.37 -29.99
N ALA B 562 2.93 25.52 -31.21
CA ALA B 562 2.74 24.39 -32.09
C ALA B 562 4.07 23.74 -32.44
N CYS B 563 4.01 22.51 -32.95
CA CYS B 563 5.22 21.84 -33.43
C CYS B 563 4.87 20.55 -34.19
N GLU B 564 5.92 19.87 -34.56
CA GLU B 564 5.89 18.56 -35.18
C GLU B 564 6.50 17.61 -34.16
N VAL B 565 6.15 16.32 -34.29
CA VAL B 565 6.53 15.32 -33.30
C VAL B 565 6.99 14.06 -34.02
N VAL B 566 8.00 13.39 -33.46
CA VAL B 566 8.50 12.16 -34.04
C VAL B 566 7.88 10.96 -33.31
N LEU B 567 6.66 10.58 -33.68
CA LEU B 567 5.96 9.50 -32.99
C LEU B 567 6.62 8.13 -33.06
N PRO B 568 7.19 7.67 -31.94
CA PRO B 568 7.74 6.31 -31.89
C PRO B 568 6.78 5.25 -32.42
N ALA B 569 7.30 4.37 -33.27
CA ALA B 569 6.51 3.29 -33.85
C ALA B 569 5.91 2.44 -32.73
N SER B 570 4.85 1.73 -33.05
CA SER B 570 4.15 0.90 -32.06
C SER B 570 3.20 -0.04 -32.78
N PRO B 571 2.90 -1.21 -32.21
CA PRO B 571 1.92 -2.14 -32.81
C PRO B 571 0.49 -1.65 -32.77
N PHE B 572 0.19 -0.59 -32.02
CA PHE B 572 -1.12 0.03 -32.07
C PHE B 572 -1.23 1.00 -33.23
N LEU B 573 -0.08 1.38 -33.79
CA LEU B 573 0.05 2.38 -34.83
C LEU B 573 -0.11 1.82 -36.25
N ASN B 574 -0.89 0.74 -36.43
CA ASN B 574 -1.27 0.26 -37.76
C ASN B 574 -2.76 0.40 -38.04
N ALA B 575 -3.38 1.42 -37.44
CA ALA B 575 -4.82 1.60 -37.56
C ALA B 575 -5.19 1.81 -39.01
N VAL B 576 -6.42 1.37 -39.34
CA VAL B 576 -6.85 1.30 -40.75
C VAL B 576 -7.32 2.66 -41.25
N GLN B 577 -7.90 3.49 -40.39
CA GLN B 577 -8.34 4.82 -40.84
C GLN B 577 -8.50 5.60 -39.54
N TRP B 578 -7.49 6.42 -39.24
CA TRP B 578 -7.49 7.31 -38.08
C TRP B 578 -8.30 8.56 -38.41
N GLN B 579 -9.64 8.41 -38.43
CA GLN B 579 -10.55 9.50 -38.80
C GLN B 579 -10.60 10.60 -37.72
N CYS B 580 -10.00 11.76 -38.01
CA CYS B 580 -9.95 12.89 -37.04
C CYS B 580 -11.37 13.20 -36.56
N LYS B 581 -11.60 13.16 -35.24
CA LYS B 581 -12.93 13.43 -34.63
C LYS B 581 -12.92 14.83 -34.02
N GLU B 582 -11.75 15.32 -33.61
CA GLU B 582 -11.64 16.65 -32.96
C GLU B 582 -10.20 17.16 -33.06
N GLY B 583 -10.02 18.49 -33.03
CA GLY B 583 -8.65 19.06 -33.03
C GLY B 583 -8.13 19.33 -34.43
N HIS B 584 -7.11 20.19 -34.55
CA HIS B 584 -6.50 20.49 -35.84
C HIS B 584 -5.03 20.04 -35.96
N GLY B 585 -4.57 19.13 -35.11
CA GLY B 585 -3.44 18.28 -35.47
C GLY B 585 -3.85 17.30 -36.57
N GLN B 586 -2.95 17.10 -37.52
CA GLN B 586 -3.12 16.13 -38.57
C GLN B 586 -1.89 15.23 -38.45
N LEU B 587 -2.04 13.98 -38.84
CA LEU B 587 -0.99 13.03 -38.55
C LEU B 587 -0.50 12.45 -39.86
N THR B 588 0.82 12.57 -40.10
CA THR B 588 1.45 12.11 -41.33
C THR B 588 2.47 11.01 -40.96
N ASP B 589 2.05 9.77 -41.17
CA ASP B 589 2.85 8.55 -40.96
C ASP B 589 3.79 8.66 -39.75
N GLY B 590 3.23 8.83 -38.57
CA GLY B 590 4.12 8.84 -37.45
C GLY B 590 4.83 10.15 -37.22
N ILE B 591 4.72 11.11 -38.13
CA ILE B 591 5.08 12.48 -37.80
C ILE B 591 3.77 13.19 -37.49
N LEU B 592 3.71 13.82 -36.34
CA LEU B 592 2.47 14.46 -35.91
C LEU B 592 2.67 15.97 -35.96
N ALA B 593 1.68 16.68 -36.50
CA ALA B 593 1.73 18.13 -36.65
C ALA B 593 0.80 18.71 -35.60
N LEU B 594 1.37 19.21 -34.52
CA LEU B 594 0.48 19.64 -33.45
C LEU B 594 0.44 21.15 -33.42
N PRO B 595 -0.71 21.75 -33.73
CA PRO B 595 -0.91 23.20 -33.52
C PRO B 595 -0.81 23.58 -32.04
N ALA B 596 -0.60 24.87 -31.79
CA ALA B 596 -0.56 25.41 -30.43
C ALA B 596 -1.91 25.21 -29.74
N ILE B 597 -1.86 25.05 -28.41
CA ILE B 597 -3.01 24.81 -27.54
C ILE B 597 -4.03 23.92 -28.25
N SER B 598 -3.56 22.85 -28.88
CA SER B 598 -4.44 21.89 -29.60
C SER B 598 -4.82 20.74 -28.69
N ALA B 599 -6.01 20.17 -28.86
CA ALA B 599 -6.46 18.97 -28.11
C ALA B 599 -6.94 17.98 -29.16
N THR B 600 -6.09 17.63 -30.11
CA THR B 600 -6.47 16.77 -31.24
C THR B 600 -6.94 15.39 -30.80
N VAL B 601 -7.64 14.68 -31.67
CA VAL B 601 -8.14 13.31 -31.37
C VAL B 601 -8.51 12.58 -32.67
N TRP B 602 -8.20 11.29 -32.79
CA TRP B 602 -8.56 10.41 -33.90
C TRP B 602 -9.35 9.19 -33.38
N MET B 603 -9.62 8.24 -34.26
CA MET B 603 -10.36 7.02 -33.97
C MET B 603 -10.33 6.20 -35.26
N ASN B 604 -10.55 4.90 -35.17
CA ASN B 604 -10.64 4.15 -36.43
C ASN B 604 -11.94 3.41 -36.70
#